data_6AT4
#
_entry.id   6AT4
#
_cell.length_a   94.720
_cell.length_b   103.614
_cell.length_c   119.156
_cell.angle_alpha   90.00
_cell.angle_beta   90.00
_cell.angle_gamma   90.00
#
_symmetry.space_group_name_H-M   'P 21 21 21'
#
loop_
_entity.id
_entity.type
_entity.pdbx_description
1 polymer 'Phosphoenolpyruvate carboxykinase (ATP)'
2 non-polymer THIOSULFATE
3 water water
#
_entity_poly.entity_id   1
_entity_poly.type   'polypeptide(L)'
_entity_poly.pdbx_seq_one_letter_code
;MRVNNGLTPQELEAYGISDVHDIVYNPSYDLLYQEELDPSLTGYERGVLTNLGAVAVDTGIFTGRSPKDKYIVRDDTTRD
TFWWADKGKGKNDNKPLSPETWQHLKGLVTRQLSGKRLFVVDAFCGANPDTRLSVRFITEVAWQAHFVKNMFIRPSDEEL
AGFKPDFIVMNGAKCTNPQWKEQGLNSENFVAFNLTERMQLIGGTWYGGEMKKGMFSMMNYLLPLKGIASMHCSANVGEK
GDVAVFFGLSGTGKTTLSTDPKRRLIGDDEHGWDDDGVFNFEGGCYAKTIKLSKEAEPEIYNAIRRDALLENVTVREDGT
IDFDDGSKTENTRVSYPIYHIDNIVKPVSKAGHATKVIFLTADAFGVLPPVSRLTADQTQYHFLSGFTAKLAGTERGITE
PTPTFSACFGAAFLSLHPTQYAEVLVKRMQAAGAQAYLVNTGWNGTGKRISIKDTRAIIDAILNGSLDNAETFTLPMFNL
AIPTELPGVDTKILDPRNTYASPEQWQEKAETLAKLFIDNFDKYTDTPAGAALVAAGPKLHHHHHH
;
_entity_poly.pdbx_strand_id   A,B
#
loop_
_chem_comp.id
_chem_comp.type
_chem_comp.name
_chem_comp.formula
THJ non-polymer THIOSULFATE 'O3 S2 -2'
#
# COMPACT_ATOMS: atom_id res chain seq x y z
N GLY A 6 51.43 -5.21 -4.48
CA GLY A 6 51.22 -6.22 -5.52
C GLY A 6 51.00 -5.62 -6.90
N LEU A 7 51.01 -4.29 -6.99
CA LEU A 7 50.76 -3.58 -8.24
C LEU A 7 51.64 -2.35 -8.29
N THR A 8 52.41 -2.18 -9.45
CA THR A 8 53.33 -1.04 -9.50
C THR A 8 52.65 0.16 -10.17
N PRO A 9 53.11 1.36 -9.82
CA PRO A 9 52.64 2.56 -10.54
C PRO A 9 52.76 2.45 -12.04
N GLN A 10 53.83 1.81 -12.51
CA GLN A 10 54.03 1.66 -13.95
C GLN A 10 52.89 0.85 -14.59
N GLU A 11 52.34 -0.12 -13.88
CA GLU A 11 51.26 -0.92 -14.45
C GLU A 11 50.03 -0.08 -14.76
N LEU A 12 49.74 0.95 -13.96
CA LEU A 12 48.57 1.78 -14.20
C LEU A 12 48.75 2.68 -15.42
N GLU A 13 49.98 2.97 -15.82
CA GLU A 13 50.21 3.83 -16.96
C GLU A 13 49.71 3.21 -18.25
N ALA A 14 49.72 1.87 -18.35
CA ALA A 14 49.16 1.21 -19.52
C ALA A 14 47.69 1.54 -19.70
N TYR A 15 46.99 1.90 -18.61
CA TYR A 15 45.59 2.28 -18.70
C TYR A 15 45.42 3.78 -18.95
N GLY A 16 46.51 4.55 -18.97
CA GLY A 16 46.43 5.98 -19.22
C GLY A 16 46.56 6.86 -17.99
N ILE A 17 46.82 6.29 -16.81
CA ILE A 17 46.87 7.03 -15.56
C ILE A 17 48.33 7.38 -15.27
N SER A 18 48.58 8.67 -14.98
CA SER A 18 49.92 9.21 -14.79
C SER A 18 50.10 9.71 -13.36
N ASP A 19 51.37 9.89 -12.98
CA ASP A 19 51.72 10.62 -11.76
C ASP A 19 51.16 9.95 -10.50
N VAL A 20 51.07 8.63 -10.49
CA VAL A 20 50.57 7.88 -9.33
C VAL A 20 51.76 7.18 -8.68
N HIS A 21 51.93 7.42 -7.38
CA HIS A 21 52.97 6.74 -6.60
C HIS A 21 52.43 6.00 -5.40
N ASP A 22 51.21 6.27 -4.97
CA ASP A 22 50.62 5.63 -3.81
C ASP A 22 49.45 4.80 -4.29
N ILE A 23 49.61 3.48 -4.28
CA ILE A 23 48.58 2.55 -4.68
C ILE A 23 48.21 1.71 -3.47
N VAL A 24 46.92 1.61 -3.19
CA VAL A 24 46.41 0.75 -2.13
C VAL A 24 45.80 -0.45 -2.85
N TYR A 25 46.56 -1.54 -2.92
CA TYR A 25 46.18 -2.71 -3.71
C TYR A 25 45.53 -3.73 -2.81
N ASN A 26 44.40 -4.28 -3.26
CA ASN A 26 43.71 -5.35 -2.56
C ASN A 26 43.48 -4.95 -1.09
N PRO A 27 42.93 -3.75 -0.85
CA PRO A 27 42.77 -3.30 0.54
C PRO A 27 41.95 -4.28 1.37
N SER A 28 42.40 -4.48 2.60
CA SER A 28 41.66 -5.30 3.53
C SER A 28 40.41 -4.55 4.02
N TYR A 29 39.47 -5.31 4.57
CA TYR A 29 38.31 -4.68 5.19
C TYR A 29 38.72 -3.77 6.34
N ASP A 30 39.74 -4.17 7.11
CA ASP A 30 40.21 -3.30 8.19
C ASP A 30 40.71 -1.97 7.67
N LEU A 31 41.51 -2.00 6.59
CA LEU A 31 42.03 -0.75 6.03
C LEU A 31 40.90 0.10 5.49
N LEU A 32 39.96 -0.51 4.77
CA LEU A 32 38.87 0.27 4.20
C LEU A 32 38.05 0.95 5.29
N TYR A 33 37.82 0.25 6.39
CA TYR A 33 37.06 0.81 7.51
C TYR A 33 37.76 2.05 8.06
N GLN A 34 39.06 1.95 8.31
CA GLN A 34 39.81 3.10 8.80
C GLN A 34 39.77 4.25 7.79
N GLU A 35 39.96 3.95 6.51
CA GLU A 35 40.00 4.99 5.49
C GLU A 35 38.65 5.69 5.35
N GLU A 36 37.56 4.93 5.44
CA GLU A 36 36.24 5.50 5.22
C GLU A 36 35.87 6.49 6.32
N LEU A 37 36.43 6.34 7.51
CA LEU A 37 36.11 7.20 8.65
C LEU A 37 37.10 8.35 8.81
N ASP A 38 38.00 8.52 7.84
CA ASP A 38 38.95 9.63 7.86
C ASP A 38 38.19 10.95 7.86
N PRO A 39 38.37 11.80 8.87
CA PRO A 39 37.60 13.04 8.93
C PRO A 39 38.01 14.09 7.91
N SER A 40 39.09 13.86 7.17
CA SER A 40 39.47 14.82 6.13
C SER A 40 38.69 14.63 4.84
N LEU A 41 37.93 13.55 4.71
CA LEU A 41 37.13 13.36 3.51
C LEU A 41 36.02 14.39 3.46
N THR A 42 35.67 14.79 2.24
CA THR A 42 34.66 15.81 2.02
C THR A 42 33.63 15.31 1.01
N GLY A 43 32.48 15.96 1.02
CA GLY A 43 31.47 15.70 0.01
C GLY A 43 31.01 14.27 0.02
N TYR A 44 30.88 13.72 -1.20
N TYR A 44 30.86 13.68 -1.17
CA TYR A 44 30.43 12.35 -1.41
CA TYR A 44 30.34 12.33 -1.23
C TYR A 44 31.34 11.32 -0.75
C TYR A 44 31.37 11.27 -0.85
N GLU A 45 32.60 11.66 -0.52
CA GLU A 45 33.56 10.71 0.02
C GLU A 45 33.28 10.36 1.47
N ARG A 46 32.52 11.21 2.17
CA ARG A 46 32.43 11.11 3.61
C ARG A 46 31.67 9.87 4.05
N GLY A 47 32.10 9.28 5.15
CA GLY A 47 31.41 8.16 5.75
C GLY A 47 31.17 8.41 7.22
N VAL A 48 30.13 7.78 7.75
CA VAL A 48 29.82 7.84 9.17
C VAL A 48 29.57 6.43 9.67
N LEU A 49 29.85 6.21 10.95
CA LEU A 49 29.63 4.90 11.54
C LEU A 49 28.26 4.86 12.21
N THR A 50 27.49 3.83 11.88
CA THR A 50 26.17 3.65 12.47
C THR A 50 26.24 2.77 13.71
N ASN A 51 25.13 2.73 14.44
CA ASN A 51 25.06 1.93 15.65
C ASN A 51 25.20 0.44 15.37
N LEU A 52 24.86 0.00 14.15
CA LEU A 52 25.00 -1.40 13.78
C LEU A 52 26.43 -1.79 13.47
N GLY A 53 27.35 -0.83 13.44
CA GLY A 53 28.73 -1.11 13.15
C GLY A 53 29.10 -0.97 11.69
N ALA A 54 28.16 -0.63 10.83
CA ALA A 54 28.38 -0.48 9.40
C ALA A 54 28.57 0.98 9.06
N VAL A 55 29.50 1.25 8.14
CA VAL A 55 29.70 2.60 7.62
C VAL A 55 28.59 2.94 6.64
N ALA A 56 28.18 4.21 6.63
CA ALA A 56 27.16 4.72 5.72
C ALA A 56 27.70 5.90 4.93
N VAL A 57 27.33 5.95 3.66
CA VAL A 57 27.73 7.00 2.73
C VAL A 57 26.50 7.53 2.00
N ASP A 58 26.65 8.70 1.38
N ASP A 58 26.69 8.65 1.30
CA ASP A 58 25.62 9.27 0.53
CA ASP A 58 25.66 9.37 0.57
C ASP A 58 26.18 9.50 -0.85
C ASP A 58 26.16 9.66 -0.84
N THR A 59 25.29 9.49 -1.84
CA THR A 59 25.67 9.64 -3.25
C THR A 59 24.97 10.82 -3.92
N GLY A 60 24.50 11.79 -3.15
CA GLY A 60 23.91 13.00 -3.73
C GLY A 60 22.64 12.68 -4.48
N ILE A 61 22.50 13.28 -5.67
CA ILE A 61 21.35 13.01 -6.51
C ILE A 61 21.45 11.67 -7.22
N PHE A 62 22.59 10.99 -7.11
CA PHE A 62 22.81 9.76 -7.87
C PHE A 62 22.36 8.56 -7.04
N THR A 63 21.04 8.51 -6.87
CA THR A 63 20.41 7.55 -5.97
C THR A 63 19.88 6.34 -6.71
N GLY A 64 20.17 6.21 -8.00
CA GLY A 64 19.86 5.04 -8.78
C GLY A 64 20.65 5.06 -10.06
N ARG A 65 20.37 4.09 -10.92
CA ARG A 65 21.13 3.96 -12.16
C ARG A 65 20.79 5.07 -13.13
N SER A 66 21.70 5.26 -14.09
CA SER A 66 21.60 6.29 -15.12
C SER A 66 21.60 5.61 -16.50
N PRO A 67 20.54 4.89 -16.83
CA PRO A 67 20.49 4.24 -18.14
C PRO A 67 20.65 5.19 -19.31
N LYS A 68 20.17 6.42 -19.18
CA LYS A 68 20.28 7.37 -20.28
C LYS A 68 21.69 7.84 -20.51
N ASP A 69 22.63 7.53 -19.60
CA ASP A 69 24.03 7.88 -19.75
C ASP A 69 24.90 6.67 -20.10
N LYS A 70 24.29 5.54 -20.46
CA LYS A 70 25.02 4.32 -20.78
C LYS A 70 25.35 4.27 -22.27
N TYR A 71 26.63 4.07 -22.58
CA TYR A 71 27.11 4.05 -23.96
C TYR A 71 28.08 2.91 -24.17
N ILE A 72 28.04 2.30 -25.35
CA ILE A 72 28.94 1.22 -25.73
C ILE A 72 29.60 1.61 -27.05
N VAL A 73 30.93 1.52 -27.10
CA VAL A 73 31.63 1.85 -28.34
C VAL A 73 31.24 0.88 -29.43
N ARG A 74 30.84 1.42 -30.57
CA ARG A 74 30.53 0.59 -31.73
C ARG A 74 31.78 0.53 -32.59
N ASP A 75 32.35 -0.67 -32.70
CA ASP A 75 33.61 -0.91 -33.38
C ASP A 75 33.55 -2.32 -33.94
N ASP A 76 34.68 -2.80 -34.47
CA ASP A 76 34.65 -4.11 -35.10
C ASP A 76 34.31 -5.22 -34.11
N THR A 77 34.56 -5.00 -32.81
CA THR A 77 34.26 -6.04 -31.82
C THR A 77 32.77 -6.17 -31.59
N THR A 78 32.05 -5.04 -31.55
CA THR A 78 30.66 -5.02 -31.12
C THR A 78 29.65 -4.81 -32.24
N ARG A 79 30.09 -4.34 -33.42
CA ARG A 79 29.14 -3.84 -34.41
C ARG A 79 28.06 -4.88 -34.75
N ASP A 80 28.47 -6.11 -35.05
CA ASP A 80 27.56 -7.11 -35.58
C ASP A 80 26.97 -8.01 -34.51
N THR A 81 27.36 -7.85 -33.25
CA THR A 81 26.91 -8.75 -32.18
C THR A 81 26.07 -8.06 -31.13
N PHE A 82 26.26 -6.77 -30.88
CA PHE A 82 25.57 -6.10 -29.80
C PHE A 82 24.14 -5.77 -30.21
N TRP A 83 23.26 -5.70 -29.22
CA TRP A 83 21.87 -5.31 -29.42
C TRP A 83 21.79 -3.79 -29.28
N TRP A 84 21.93 -3.09 -30.40
CA TRP A 84 22.09 -1.63 -30.36
C TRP A 84 20.77 -0.92 -30.17
N ALA A 85 20.84 0.22 -29.50
CA ALA A 85 19.64 1.01 -29.22
C ALA A 85 19.07 1.64 -30.47
N ASP A 86 19.87 1.80 -31.53
CA ASP A 86 19.46 2.53 -32.71
C ASP A 86 19.33 1.63 -33.95
N LYS A 87 19.21 0.32 -33.77
CA LYS A 87 19.18 -0.58 -34.92
C LYS A 87 17.99 -1.52 -34.95
N GLY A 88 17.17 -1.58 -33.91
CA GLY A 88 16.14 -2.59 -33.80
C GLY A 88 14.77 -2.00 -33.57
N LYS A 89 13.78 -2.89 -33.54
CA LYS A 89 12.41 -2.52 -33.19
C LYS A 89 12.27 -2.24 -31.70
N GLY A 90 13.11 -2.83 -30.87
CA GLY A 90 12.97 -2.78 -29.42
C GLY A 90 13.86 -1.73 -28.78
N LYS A 91 13.29 -0.99 -27.84
CA LYS A 91 14.04 0.03 -27.12
C LYS A 91 15.02 -0.62 -26.14
N ASN A 92 16.22 -0.07 -26.07
CA ASN A 92 17.20 -0.49 -25.07
C ASN A 92 18.15 0.66 -24.81
N ASP A 93 19.07 0.45 -23.87
CA ASP A 93 19.98 1.49 -23.42
C ASP A 93 21.37 1.36 -24.04
N ASN A 94 21.56 0.44 -24.98
CA ASN A 94 22.88 0.22 -25.57
C ASN A 94 23.14 1.25 -26.68
N LYS A 95 23.39 2.47 -26.25
CA LYS A 95 23.57 3.58 -27.17
C LYS A 95 24.98 3.55 -27.75
N PRO A 96 25.14 3.66 -29.07
CA PRO A 96 26.47 3.56 -29.66
C PRO A 96 27.33 4.77 -29.39
N LEU A 97 28.62 4.53 -29.25
CA LEU A 97 29.60 5.56 -28.98
C LEU A 97 30.74 5.45 -29.98
N SER A 98 31.21 6.59 -30.46
CA SER A 98 32.32 6.58 -31.39
C SER A 98 33.63 6.29 -30.65
N PRO A 99 34.61 5.68 -31.33
CA PRO A 99 35.93 5.58 -30.70
C PRO A 99 36.52 6.92 -30.32
N GLU A 100 36.24 7.96 -31.10
CA GLU A 100 36.78 9.29 -30.81
C GLU A 100 36.19 9.85 -29.52
N THR A 101 34.87 9.74 -29.34
CA THR A 101 34.27 10.25 -28.11
C THR A 101 34.70 9.41 -26.92
N TRP A 102 34.85 8.10 -27.11
CA TRP A 102 35.41 7.25 -26.07
C TRP A 102 36.76 7.77 -25.59
N GLN A 103 37.66 8.10 -26.53
CA GLN A 103 38.97 8.58 -26.11
C GLN A 103 38.86 9.86 -25.29
N HIS A 104 37.90 10.72 -25.63
CA HIS A 104 37.67 11.92 -24.84
C HIS A 104 37.24 11.56 -23.42
N LEU A 105 36.26 10.66 -23.28
CA LEU A 105 35.80 10.28 -21.95
C LEU A 105 36.89 9.59 -21.17
N LYS A 106 37.66 8.72 -21.84
CA LYS A 106 38.76 8.05 -21.16
C LYS A 106 39.78 9.06 -20.65
N GLY A 107 40.06 10.08 -21.46
CA GLY A 107 40.97 11.13 -21.03
C GLY A 107 40.48 11.87 -19.81
N LEU A 108 39.17 12.14 -19.74
CA LEU A 108 38.62 12.81 -18.57
C LEU A 108 38.86 11.98 -17.32
N VAL A 109 38.58 10.69 -17.39
CA VAL A 109 38.69 9.83 -16.20
C VAL A 109 40.15 9.62 -15.82
N THR A 110 41.00 9.34 -16.80
CA THR A 110 42.41 9.09 -16.48
C THR A 110 43.09 10.35 -15.96
N ARG A 111 42.72 11.53 -16.47
CA ARG A 111 43.25 12.75 -15.91
C ARG A 111 42.75 12.97 -14.49
N GLN A 112 41.48 12.64 -14.22
CA GLN A 112 40.95 12.77 -12.86
C GLN A 112 41.71 11.90 -11.88
N LEU A 113 42.03 10.66 -12.27
CA LEU A 113 42.69 9.72 -11.37
C LEU A 113 44.20 9.90 -11.34
N SER A 114 44.76 10.67 -12.27
CA SER A 114 46.20 10.92 -12.27
C SER A 114 46.57 11.81 -11.09
N GLY A 115 47.74 11.56 -10.51
CA GLY A 115 48.21 12.36 -9.39
C GLY A 115 47.52 12.07 -8.08
N LYS A 116 46.71 11.03 -8.01
CA LYS A 116 45.93 10.69 -6.83
C LYS A 116 46.49 9.45 -6.17
N ARG A 117 46.20 9.31 -4.88
CA ARG A 117 46.30 8.02 -4.21
C ARG A 117 45.14 7.14 -4.69
N LEU A 118 45.45 5.97 -5.21
CA LEU A 118 44.43 5.13 -5.85
C LEU A 118 44.27 3.81 -5.13
N PHE A 119 43.02 3.36 -5.06
CA PHE A 119 42.69 2.02 -4.60
C PHE A 119 42.48 1.14 -5.82
N VAL A 120 43.06 -0.05 -5.80
CA VAL A 120 42.93 -1.00 -6.88
C VAL A 120 42.44 -2.31 -6.29
N VAL A 121 41.31 -2.81 -6.79
CA VAL A 121 40.72 -4.06 -6.32
C VAL A 121 40.66 -5.01 -7.50
N ASP A 122 41.33 -6.16 -7.37
CA ASP A 122 41.22 -7.24 -8.33
C ASP A 122 40.18 -8.23 -7.81
N ALA A 123 39.30 -8.67 -8.69
CA ALA A 123 38.19 -9.53 -8.27
C ALA A 123 37.71 -10.34 -9.45
N PHE A 124 36.84 -11.30 -9.17
CA PHE A 124 36.20 -12.10 -10.21
C PHE A 124 34.72 -11.79 -10.32
N CYS A 125 34.22 -11.85 -11.55
CA CYS A 125 32.80 -11.86 -11.83
C CYS A 125 32.49 -13.24 -12.41
N GLY A 126 31.81 -14.06 -11.64
CA GLY A 126 31.51 -15.44 -12.04
C GLY A 126 32.16 -16.40 -11.08
N ALA A 127 31.35 -17.31 -10.53
CA ALA A 127 31.85 -18.27 -9.55
C ALA A 127 32.72 -19.36 -10.15
N ASN A 128 32.67 -19.56 -11.47
CA ASN A 128 33.36 -20.69 -12.09
C ASN A 128 34.60 -20.23 -12.84
N PRO A 129 35.77 -20.83 -12.60
CA PRO A 129 36.98 -20.38 -13.30
C PRO A 129 36.87 -20.37 -14.83
N ASP A 130 36.14 -21.32 -15.42
CA ASP A 130 36.14 -21.46 -16.87
C ASP A 130 35.37 -20.35 -17.58
N THR A 131 34.48 -19.62 -16.89
CA THR A 131 33.69 -18.58 -17.53
C THR A 131 33.74 -17.23 -16.81
N ARG A 132 34.52 -17.11 -15.75
CA ARG A 132 34.55 -15.87 -14.98
C ARG A 132 35.41 -14.82 -15.67
N LEU A 133 35.08 -13.56 -15.42
CA LEU A 133 35.92 -12.45 -15.82
C LEU A 133 36.79 -12.04 -14.64
N SER A 134 38.06 -11.80 -14.92
CA SER A 134 38.97 -11.16 -13.99
C SER A 134 38.83 -9.65 -14.19
N VAL A 135 38.43 -8.93 -13.14
CA VAL A 135 38.15 -7.51 -13.26
C VAL A 135 39.06 -6.74 -12.31
N ARG A 136 39.65 -5.66 -12.82
CA ARG A 136 40.47 -4.75 -12.02
C ARG A 136 39.73 -3.43 -11.92
N PHE A 137 39.44 -3.02 -10.68
CA PHE A 137 38.70 -1.79 -10.39
C PHE A 137 39.67 -0.75 -9.84
N ILE A 138 39.54 0.49 -10.31
CA ILE A 138 40.42 1.58 -9.91
C ILE A 138 39.55 2.75 -9.45
N THR A 139 39.81 3.24 -8.24
N THR A 139 39.82 3.25 -8.25
CA THR A 139 39.06 4.35 -7.66
CA THR A 139 39.08 4.38 -7.71
C THR A 139 40.01 5.24 -6.86
C THR A 139 40.02 5.25 -6.89
N GLU A 140 39.56 6.47 -6.60
CA GLU A 140 40.26 7.35 -5.68
C GLU A 140 39.51 7.48 -4.36
N VAL A 141 38.44 6.70 -4.17
CA VAL A 141 37.57 6.80 -3.01
C VAL A 141 37.52 5.43 -2.34
N ALA A 142 37.86 5.37 -1.06
CA ALA A 142 37.94 4.09 -0.36
C ALA A 142 36.59 3.35 -0.39
N TRP A 143 35.48 4.06 -0.17
CA TRP A 143 34.22 3.34 -0.10
C TRP A 143 33.82 2.73 -1.44
N GLN A 144 34.27 3.31 -2.55
CA GLN A 144 34.01 2.70 -3.84
C GLN A 144 34.78 1.39 -3.99
N ALA A 145 36.03 1.38 -3.52
CA ALA A 145 36.79 0.13 -3.50
C ALA A 145 36.11 -0.89 -2.60
N HIS A 146 35.58 -0.45 -1.46
CA HIS A 146 34.85 -1.34 -0.57
C HIS A 146 33.64 -1.93 -1.27
N PHE A 147 32.89 -1.10 -2.00
CA PHE A 147 31.71 -1.60 -2.70
C PHE A 147 32.09 -2.78 -3.59
N VAL A 148 33.16 -2.64 -4.39
CA VAL A 148 33.51 -3.71 -5.32
C VAL A 148 34.14 -4.89 -4.58
N LYS A 149 34.79 -4.64 -3.44
CA LYS A 149 35.26 -5.76 -2.63
C LYS A 149 34.08 -6.59 -2.14
N ASN A 150 32.99 -5.93 -1.75
CA ASN A 150 31.78 -6.62 -1.31
C ASN A 150 31.12 -7.38 -2.45
N MET A 151 31.00 -6.73 -3.62
CA MET A 151 30.07 -7.20 -4.64
C MET A 151 30.66 -8.19 -5.60
N PHE A 152 31.98 -8.21 -5.77
CA PHE A 152 32.62 -9.19 -6.62
C PHE A 152 33.29 -10.27 -5.78
N ILE A 153 33.74 -11.32 -6.45
CA ILE A 153 34.31 -12.46 -5.75
C ILE A 153 35.76 -12.15 -5.39
N ARG A 154 36.10 -12.34 -4.11
CA ARG A 154 37.36 -11.87 -3.55
C ARG A 154 38.42 -12.95 -3.76
N PRO A 155 39.46 -12.70 -4.55
CA PRO A 155 40.43 -13.77 -4.84
C PRO A 155 41.33 -14.08 -3.67
N SER A 156 41.83 -15.30 -3.66
CA SER A 156 42.84 -15.70 -2.70
C SER A 156 44.18 -15.09 -3.08
N ASP A 157 45.13 -15.14 -2.14
CA ASP A 157 46.47 -14.64 -2.45
C ASP A 157 47.08 -15.39 -3.61
N GLU A 158 46.88 -16.71 -3.68
CA GLU A 158 47.40 -17.49 -4.80
C GLU A 158 46.78 -17.03 -6.11
N GLU A 159 45.48 -16.73 -6.11
CA GLU A 159 44.83 -16.26 -7.33
C GLU A 159 45.29 -14.86 -7.70
N LEU A 160 45.56 -14.00 -6.71
CA LEU A 160 46.08 -12.68 -7.02
C LEU A 160 47.48 -12.75 -7.60
N ALA A 161 48.28 -13.75 -7.19
CA ALA A 161 49.64 -13.86 -7.71
C ALA A 161 49.66 -14.01 -9.23
N GLY A 162 48.66 -14.69 -9.79
CA GLY A 162 48.61 -14.90 -11.23
C GLY A 162 47.52 -14.10 -11.92
N PHE A 163 47.02 -13.05 -11.26
CA PHE A 163 45.86 -12.32 -11.76
C PHE A 163 46.20 -11.59 -13.07
N LYS A 164 45.35 -11.78 -14.07
CA LYS A 164 45.47 -11.10 -15.35
C LYS A 164 44.11 -10.51 -15.68
N PRO A 165 43.92 -9.20 -15.59
CA PRO A 165 42.58 -8.63 -15.81
C PRO A 165 42.08 -8.87 -17.23
N ASP A 166 40.80 -9.24 -17.33
CA ASP A 166 40.07 -9.23 -18.59
C ASP A 166 39.41 -7.90 -18.86
N PHE A 167 39.04 -7.17 -17.81
CA PHE A 167 38.36 -5.89 -17.93
C PHE A 167 38.91 -4.96 -16.85
N ILE A 168 38.97 -3.68 -17.18
CA ILE A 168 39.32 -2.63 -16.22
C ILE A 168 38.09 -1.77 -16.02
N VAL A 169 37.77 -1.47 -14.76
CA VAL A 169 36.69 -0.56 -14.42
C VAL A 169 37.30 0.63 -13.70
N MET A 170 37.17 1.81 -14.30
CA MET A 170 37.74 3.04 -13.75
C MET A 170 36.60 3.93 -13.27
N ASN A 171 36.57 4.19 -11.97
CA ASN A 171 35.53 5.04 -11.39
C ASN A 171 36.09 6.46 -11.29
N GLY A 172 35.59 7.35 -12.15
CA GLY A 172 35.92 8.75 -12.08
C GLY A 172 34.71 9.59 -11.76
N ALA A 173 33.96 9.19 -10.73
CA ALA A 173 32.74 9.92 -10.37
C ALA A 173 33.01 11.41 -10.14
N LYS A 174 34.22 11.77 -9.72
CA LYS A 174 34.51 13.17 -9.43
C LYS A 174 34.65 14.03 -10.68
N CYS A 175 34.75 13.45 -11.86
CA CYS A 175 34.85 14.22 -13.08
C CYS A 175 33.55 14.17 -13.86
N THR A 176 33.38 15.16 -14.72
CA THR A 176 32.25 15.22 -15.65
C THR A 176 32.78 15.61 -17.02
N ASN A 177 31.89 15.54 -18.01
CA ASN A 177 32.24 15.83 -19.40
C ASN A 177 31.65 17.15 -19.82
N PRO A 178 32.41 18.25 -19.82
CA PRO A 178 31.83 19.55 -20.19
C PRO A 178 31.42 19.65 -21.65
N GLN A 179 31.91 18.75 -22.52
CA GLN A 179 31.62 18.80 -23.94
C GLN A 179 30.42 17.96 -24.33
N TRP A 180 29.62 17.51 -23.36
CA TRP A 180 28.60 16.50 -23.64
C TRP A 180 27.58 16.96 -24.66
N LYS A 181 27.19 18.24 -24.62
CA LYS A 181 26.13 18.71 -25.52
C LYS A 181 26.56 18.59 -26.98
N GLU A 182 27.74 19.11 -27.31
CA GLU A 182 28.19 19.08 -28.69
C GLU A 182 28.56 17.67 -29.15
N GLN A 183 28.78 16.74 -28.22
CA GLN A 183 29.05 15.35 -28.56
C GLN A 183 27.76 14.53 -28.70
N GLY A 184 26.60 15.16 -28.53
CA GLY A 184 25.34 14.48 -28.70
C GLY A 184 24.98 13.52 -27.59
N LEU A 185 25.58 13.70 -26.40
CA LEU A 185 25.31 12.81 -25.29
C LEU A 185 24.15 13.35 -24.45
N ASN A 186 23.74 12.54 -23.47
CA ASN A 186 22.54 12.85 -22.70
C ASN A 186 22.82 13.87 -21.60
N SER A 187 24.00 13.83 -21.01
CA SER A 187 24.32 14.70 -19.88
C SER A 187 25.84 14.74 -19.72
N GLU A 188 26.30 15.49 -18.72
CA GLU A 188 27.72 15.56 -18.41
C GLU A 188 28.23 14.30 -17.75
N ASN A 189 27.35 13.37 -17.39
CA ASN A 189 27.74 12.10 -16.78
C ASN A 189 27.85 11.03 -17.86
N PHE A 190 28.47 9.91 -17.49
CA PHE A 190 28.63 8.84 -18.47
C PHE A 190 28.97 7.53 -17.80
N VAL A 191 28.44 6.44 -18.33
CA VAL A 191 28.87 5.10 -18.01
C VAL A 191 29.15 4.43 -19.35
N ALA A 192 30.43 4.32 -19.71
CA ALA A 192 30.82 3.96 -21.07
C ALA A 192 31.63 2.68 -21.08
N PHE A 193 31.43 1.88 -22.14
CA PHE A 193 32.05 0.58 -22.26
C PHE A 193 32.74 0.47 -23.61
N ASN A 194 33.95 -0.07 -23.59
CA ASN A 194 34.71 -0.34 -24.80
C ASN A 194 35.16 -1.79 -24.71
N LEU A 195 34.60 -2.65 -25.57
CA LEU A 195 34.91 -4.07 -25.53
C LEU A 195 36.17 -4.42 -26.31
N THR A 196 36.75 -3.48 -27.03
CA THR A 196 38.06 -3.69 -27.65
C THR A 196 39.17 -3.43 -26.65
N GLU A 197 39.12 -2.29 -25.97
CA GLU A 197 40.04 -1.98 -24.88
C GLU A 197 39.69 -2.71 -23.60
N ARG A 198 38.48 -3.29 -23.53
CA ARG A 198 37.99 -4.02 -22.36
C ARG A 198 38.00 -3.15 -21.10
N MET A 199 37.22 -2.08 -21.18
CA MET A 199 37.23 -1.07 -20.14
C MET A 199 35.85 -0.48 -19.94
N GLN A 200 35.51 -0.18 -18.69
CA GLN A 200 34.34 0.59 -18.32
C GLN A 200 34.79 1.87 -17.64
N LEU A 201 34.18 2.98 -18.03
CA LEU A 201 34.40 4.28 -17.40
C LEU A 201 33.13 4.73 -16.71
N ILE A 202 33.29 5.28 -15.51
CA ILE A 202 32.20 5.92 -14.78
C ILE A 202 32.58 7.37 -14.58
N GLY A 203 31.76 8.28 -15.08
CA GLY A 203 31.95 9.71 -14.86
C GLY A 203 30.70 10.33 -14.27
N GLY A 204 30.90 11.18 -13.28
CA GLY A 204 29.82 11.99 -12.73
C GLY A 204 28.93 11.32 -11.70
N THR A 205 28.50 10.09 -11.97
CA THR A 205 27.54 9.43 -11.09
C THR A 205 28.24 8.64 -9.99
N TRP A 206 27.75 8.84 -8.77
CA TRP A 206 28.26 8.19 -7.57
C TRP A 206 27.47 6.95 -7.15
N TYR A 207 26.44 6.56 -7.91
CA TYR A 207 25.62 5.42 -7.50
C TYR A 207 26.45 4.15 -7.53
N GLY A 208 26.46 3.43 -6.41
CA GLY A 208 27.34 2.27 -6.30
C GLY A 208 27.04 1.21 -7.36
N GLY A 209 25.75 1.01 -7.66
CA GLY A 209 25.36 -0.03 -8.59
C GLY A 209 25.99 0.08 -9.96
N GLU A 210 26.41 1.27 -10.37
CA GLU A 210 27.04 1.38 -11.68
C GLU A 210 28.32 0.55 -11.75
N MET A 211 28.94 0.29 -10.60
CA MET A 211 30.18 -0.47 -10.55
C MET A 211 29.96 -1.98 -10.64
N LYS A 212 28.74 -2.47 -10.48
CA LYS A 212 28.47 -3.90 -10.64
C LYS A 212 27.65 -4.23 -11.86
N LYS A 213 26.72 -3.37 -12.29
CA LYS A 213 25.85 -3.73 -13.41
C LYS A 213 26.56 -3.65 -14.75
N GLY A 214 27.68 -2.94 -14.82
CA GLY A 214 28.46 -2.95 -16.05
C GLY A 214 29.02 -4.32 -16.35
N MET A 215 29.65 -4.94 -15.35
CA MET A 215 30.18 -6.27 -15.57
C MET A 215 29.06 -7.30 -15.76
N PHE A 216 27.91 -7.09 -15.14
CA PHE A 216 26.76 -7.95 -15.44
C PHE A 216 26.42 -7.87 -16.93
N SER A 217 26.38 -6.66 -17.48
CA SER A 217 26.14 -6.50 -18.91
C SER A 217 27.20 -7.20 -19.75
N MET A 218 28.45 -7.23 -19.27
CA MET A 218 29.49 -7.94 -20.02
C MET A 218 29.27 -9.45 -19.95
N MET A 219 28.93 -9.97 -18.78
CA MET A 219 28.56 -11.40 -18.69
C MET A 219 27.37 -11.70 -19.58
N ASN A 220 26.40 -10.78 -19.64
CA ASN A 220 25.22 -10.98 -20.47
C ASN A 220 25.57 -10.97 -21.96
N TYR A 221 26.74 -10.43 -22.33
CA TYR A 221 27.21 -10.50 -23.70
C TYR A 221 27.92 -11.83 -23.97
N LEU A 222 28.80 -12.25 -23.07
CA LEU A 222 29.69 -13.36 -23.35
C LEU A 222 29.05 -14.72 -23.11
N LEU A 223 28.25 -14.86 -22.06
CA LEU A 223 27.82 -16.20 -21.66
C LEU A 223 26.79 -16.82 -22.60
N PRO A 224 25.75 -16.11 -23.03
CA PRO A 224 24.77 -16.75 -23.92
C PRO A 224 25.38 -17.16 -25.25
N LEU A 225 26.44 -16.48 -25.68
CA LEU A 225 27.10 -16.85 -26.92
C LEU A 225 27.78 -18.21 -26.83
N LYS A 226 28.03 -18.72 -25.62
CA LYS A 226 28.55 -20.07 -25.45
C LYS A 226 27.53 -21.00 -24.78
N GLY A 227 26.25 -20.68 -24.88
CA GLY A 227 25.21 -21.59 -24.45
C GLY A 227 24.90 -21.56 -22.98
N ILE A 228 25.36 -20.55 -22.25
CA ILE A 228 25.18 -20.45 -20.81
C ILE A 228 24.18 -19.34 -20.56
N ALA A 229 23.14 -19.65 -19.79
CA ALA A 229 22.17 -18.63 -19.48
C ALA A 229 22.81 -17.59 -18.56
N SER A 230 22.42 -16.34 -18.75
CA SER A 230 22.89 -15.24 -17.92
C SER A 230 21.66 -14.47 -17.50
N MET A 231 21.39 -14.46 -16.20
CA MET A 231 20.03 -14.29 -15.68
C MET A 231 19.98 -13.21 -14.62
N HIS A 232 18.99 -12.33 -14.72
CA HIS A 232 18.76 -11.31 -13.71
C HIS A 232 17.78 -11.88 -12.69
N CYS A 233 18.33 -12.59 -11.71
CA CYS A 233 17.51 -13.36 -10.78
C CYS A 233 18.27 -13.55 -9.48
N SER A 234 17.53 -13.79 -8.41
CA SER A 234 18.10 -14.38 -7.21
C SER A 234 17.95 -15.89 -7.30
N ALA A 235 18.62 -16.59 -6.38
CA ALA A 235 18.62 -18.05 -6.42
C ALA A 235 18.86 -18.61 -5.03
N ASN A 236 18.17 -19.71 -4.73
CA ASN A 236 18.41 -20.42 -3.48
C ASN A 236 18.15 -21.91 -3.70
N VAL A 237 18.43 -22.69 -2.66
CA VAL A 237 18.42 -24.14 -2.77
C VAL A 237 17.81 -24.74 -1.51
N GLY A 238 16.98 -25.76 -1.70
CA GLY A 238 16.39 -26.48 -0.60
C GLY A 238 17.30 -27.56 -0.05
N GLU A 239 16.85 -28.17 1.05
CA GLU A 239 17.68 -29.17 1.71
C GLU A 239 18.05 -30.32 0.78
N LYS A 240 17.17 -30.70 -0.14
CA LYS A 240 17.41 -31.82 -1.03
C LYS A 240 18.20 -31.45 -2.28
N GLY A 241 18.66 -30.21 -2.39
CA GLY A 241 19.43 -29.80 -3.55
C GLY A 241 18.61 -29.17 -4.65
N ASP A 242 17.32 -28.95 -4.42
CA ASP A 242 16.43 -28.36 -5.43
C ASP A 242 16.64 -26.86 -5.48
N VAL A 243 16.97 -26.35 -6.65
CA VAL A 243 17.30 -24.94 -6.84
C VAL A 243 16.10 -24.19 -7.41
N ALA A 244 15.88 -22.98 -6.92
CA ALA A 244 14.89 -22.07 -7.48
C ALA A 244 15.57 -20.77 -7.87
N VAL A 245 15.10 -20.18 -8.97
CA VAL A 245 15.55 -18.87 -9.41
C VAL A 245 14.34 -17.94 -9.47
N PHE A 246 14.55 -16.69 -9.09
CA PHE A 246 13.49 -15.68 -8.97
C PHE A 246 13.90 -14.49 -9.85
N PHE A 247 13.29 -14.37 -11.03
CA PHE A 247 13.58 -13.26 -11.93
C PHE A 247 12.78 -12.03 -11.52
N GLY A 248 13.40 -10.86 -11.58
CA GLY A 248 12.67 -9.64 -11.37
C GLY A 248 13.59 -8.44 -11.28
N LEU A 249 12.97 -7.27 -11.39
CA LEU A 249 13.66 -6.02 -11.11
C LEU A 249 13.75 -5.79 -9.61
N SER A 250 14.73 -4.98 -9.20
CA SER A 250 14.88 -4.74 -7.78
C SER A 250 13.65 -4.01 -7.24
N GLY A 251 13.27 -4.34 -6.02
CA GLY A 251 12.05 -3.84 -5.44
C GLY A 251 10.85 -4.70 -5.64
N THR A 252 10.96 -5.78 -6.44
CA THR A 252 9.81 -6.60 -6.77
C THR A 252 9.85 -7.96 -6.08
N GLY A 253 10.78 -8.17 -5.15
CA GLY A 253 10.73 -9.28 -4.21
C GLY A 253 11.86 -10.28 -4.32
N LYS A 254 12.78 -10.18 -5.28
CA LYS A 254 13.73 -11.27 -5.45
C LYS A 254 14.74 -11.36 -4.32
N THR A 255 15.17 -10.24 -3.75
CA THR A 255 16.08 -10.29 -2.61
C THR A 255 15.36 -10.87 -1.40
N THR A 256 14.19 -10.32 -1.09
CA THR A 256 13.44 -10.75 0.09
C THR A 256 13.12 -12.24 0.04
N LEU A 257 12.69 -12.73 -1.13
CA LEU A 257 12.30 -14.13 -1.23
C LEU A 257 13.51 -15.05 -1.26
N SER A 258 14.66 -14.55 -1.71
CA SER A 258 15.86 -15.38 -1.80
C SER A 258 16.36 -15.81 -0.42
N THR A 259 16.20 -14.97 0.60
CA THR A 259 16.72 -15.26 1.94
C THR A 259 15.74 -16.06 2.80
N ASP A 260 14.70 -16.61 2.21
CA ASP A 260 13.79 -17.59 2.82
C ASP A 260 14.56 -18.46 3.81
N PRO A 261 14.16 -18.49 5.09
CA PRO A 261 14.94 -19.27 6.07
C PRO A 261 14.81 -20.79 5.88
N LYS A 262 13.84 -21.25 5.10
CA LYS A 262 13.71 -22.67 4.80
C LYS A 262 14.57 -23.09 3.61
N ARG A 263 15.38 -22.18 3.07
CA ARG A 263 16.25 -22.43 1.93
C ARG A 263 17.63 -21.90 2.28
N ARG A 264 18.59 -22.14 1.38
CA ARG A 264 19.96 -21.65 1.52
C ARG A 264 20.32 -20.78 0.31
N LEU A 265 20.91 -19.61 0.56
CA LEU A 265 21.06 -18.60 -0.48
C LEU A 265 22.22 -18.91 -1.42
N ILE A 266 21.95 -18.89 -2.72
CA ILE A 266 23.01 -18.91 -3.74
C ILE A 266 23.43 -17.49 -4.10
N GLY A 267 22.46 -16.61 -4.35
CA GLY A 267 22.78 -15.25 -4.73
C GLY A 267 21.53 -14.40 -4.86
N ASP A 268 21.77 -13.11 -5.05
CA ASP A 268 20.77 -12.05 -4.96
C ASP A 268 20.28 -11.53 -6.32
N ASP A 269 21.09 -11.58 -7.37
CA ASP A 269 20.83 -10.68 -8.49
C ASP A 269 21.33 -11.13 -9.86
N GLU A 270 22.44 -11.87 -9.92
CA GLU A 270 23.11 -12.16 -11.19
C GLU A 270 23.59 -13.61 -11.19
N HIS A 271 23.03 -14.45 -12.06
CA HIS A 271 23.36 -15.86 -12.06
C HIS A 271 23.55 -16.38 -13.48
N GLY A 272 24.41 -17.38 -13.58
CA GLY A 272 24.52 -18.16 -14.80
C GLY A 272 23.91 -19.53 -14.62
N TRP A 273 23.64 -20.20 -15.74
CA TRP A 273 23.16 -21.59 -15.70
C TRP A 273 23.88 -22.33 -16.80
N ASP A 274 24.84 -23.18 -16.41
CA ASP A 274 25.64 -23.97 -17.33
C ASP A 274 25.32 -25.45 -17.14
N ASP A 275 26.17 -26.33 -17.69
CA ASP A 275 25.90 -27.76 -17.64
C ASP A 275 25.86 -28.30 -16.21
N ASP A 276 26.56 -27.64 -15.29
CA ASP A 276 26.59 -28.13 -13.91
C ASP A 276 25.47 -27.56 -13.05
N GLY A 277 24.97 -26.38 -13.38
CA GLY A 277 23.88 -25.82 -12.61
C GLY A 277 23.93 -24.30 -12.58
N VAL A 278 23.33 -23.76 -11.53
CA VAL A 278 23.13 -22.32 -11.38
C VAL A 278 24.24 -21.76 -10.50
N PHE A 279 24.89 -20.70 -10.97
CA PHE A 279 26.02 -20.13 -10.25
C PHE A 279 25.92 -18.61 -10.17
N ASN A 280 26.27 -18.09 -9.00
CA ASN A 280 26.29 -16.64 -8.76
C ASN A 280 27.48 -16.00 -9.45
N PHE A 281 27.27 -14.81 -10.01
CA PHE A 281 28.39 -14.03 -10.52
C PHE A 281 29.07 -13.22 -9.42
N GLU A 282 28.37 -12.95 -8.32
CA GLU A 282 28.77 -11.94 -7.35
C GLU A 282 29.34 -12.58 -6.08
N GLY A 283 30.01 -11.73 -5.29
CA GLY A 283 30.51 -12.08 -3.99
C GLY A 283 29.74 -11.45 -2.85
N GLY A 284 28.63 -10.80 -3.13
CA GLY A 284 27.89 -10.06 -2.14
C GLY A 284 26.52 -9.72 -2.67
N CYS A 285 25.79 -8.95 -1.88
CA CYS A 285 24.42 -8.59 -2.19
C CYS A 285 24.25 -7.09 -1.98
N TYR A 286 23.55 -6.44 -2.91
CA TYR A 286 23.29 -5.00 -2.88
C TYR A 286 21.78 -4.85 -2.67
N ALA A 287 21.36 -4.93 -1.42
CA ALA A 287 19.96 -5.06 -1.07
C ALA A 287 19.30 -3.70 -0.83
N LYS A 288 18.07 -3.57 -1.30
CA LYS A 288 17.26 -2.41 -0.96
C LYS A 288 16.91 -2.44 0.53
N THR A 289 16.99 -1.28 1.18
CA THR A 289 16.73 -1.22 2.62
C THR A 289 15.52 -0.38 3.02
N ILE A 290 14.76 0.19 2.07
CA ILE A 290 13.64 1.01 2.47
C ILE A 290 12.63 0.17 3.25
N LYS A 291 12.26 0.64 4.43
CA LYS A 291 11.33 -0.04 5.34
C LYS A 291 11.88 -1.37 5.86
N LEU A 292 13.18 -1.61 5.75
CA LEU A 292 13.76 -2.82 6.33
C LEU A 292 13.47 -2.87 7.82
N SER A 293 13.18 -4.07 8.32
CA SER A 293 13.03 -4.26 9.76
C SER A 293 13.66 -5.59 10.15
N LYS A 294 14.18 -5.62 11.37
CA LYS A 294 14.79 -6.84 11.88
C LYS A 294 13.78 -7.97 11.99
N GLU A 295 12.54 -7.63 12.35
CA GLU A 295 11.51 -8.66 12.52
C GLU A 295 11.12 -9.27 11.19
N ALA A 296 10.99 -8.46 10.14
CA ALA A 296 10.49 -8.93 8.85
C ALA A 296 11.57 -9.56 7.99
N GLU A 297 12.81 -9.04 8.05
CA GLU A 297 13.91 -9.50 7.22
C GLU A 297 15.13 -9.72 8.09
N PRO A 298 15.08 -10.72 8.98
CA PRO A 298 16.18 -10.86 9.95
C PRO A 298 17.53 -11.17 9.35
N GLU A 299 17.60 -11.98 8.28
CA GLU A 299 18.91 -12.33 7.73
C GLU A 299 19.56 -11.12 7.08
N ILE A 300 18.78 -10.36 6.31
CA ILE A 300 19.31 -9.15 5.68
C ILE A 300 19.70 -8.12 6.74
N TYR A 301 18.82 -7.92 7.71
CA TYR A 301 19.12 -6.95 8.77
C TYR A 301 20.40 -7.32 9.50
N ASN A 302 20.56 -8.59 9.85
CA ASN A 302 21.73 -9.01 10.61
C ASN A 302 23.00 -8.97 9.78
N ALA A 303 22.89 -8.89 8.45
CA ALA A 303 24.06 -8.70 7.60
C ALA A 303 24.61 -7.29 7.68
N ILE A 304 23.86 -6.35 8.26
CA ILE A 304 24.28 -4.96 8.35
C ILE A 304 25.09 -4.80 9.63
N ARG A 305 26.41 -4.85 9.46
CA ARG A 305 27.39 -4.79 10.54
C ARG A 305 28.71 -4.43 9.88
N ARG A 306 29.79 -4.40 10.66
CA ARG A 306 31.05 -3.96 10.08
C ARG A 306 31.35 -4.75 8.81
N ASP A 307 31.75 -4.02 7.76
CA ASP A 307 32.09 -4.47 6.42
C ASP A 307 30.90 -4.43 5.47
N ALA A 308 29.67 -4.26 5.98
CA ALA A 308 28.58 -3.80 5.13
C ALA A 308 28.79 -2.31 4.84
N LEU A 309 28.14 -1.84 3.77
CA LEU A 309 28.26 -0.44 3.35
C LEU A 309 26.86 0.08 3.03
N LEU A 310 26.37 0.96 3.89
CA LEU A 310 25.04 1.54 3.71
C LEU A 310 25.14 2.73 2.76
N GLU A 311 24.11 2.90 1.92
CA GLU A 311 24.11 3.91 0.86
C GLU A 311 22.79 4.68 0.92
N ASN A 312 22.87 5.96 1.25
CA ASN A 312 21.75 6.89 1.23
C ASN A 312 20.71 6.66 2.31
N VAL A 313 20.99 5.80 3.29
CA VAL A 313 20.08 5.67 4.42
C VAL A 313 20.20 6.91 5.30
N THR A 314 19.11 7.21 6.01
CA THR A 314 19.13 8.30 6.96
C THR A 314 19.73 7.83 8.28
N VAL A 315 20.79 8.50 8.71
CA VAL A 315 21.44 8.24 9.99
C VAL A 315 21.13 9.41 10.91
N ARG A 316 20.56 9.09 12.08
CA ARG A 316 20.24 10.09 13.07
C ARG A 316 21.51 10.59 13.76
N GLU A 317 21.37 11.68 14.51
CA GLU A 317 22.53 12.27 15.17
C GLU A 317 23.19 11.29 16.13
N ASP A 318 22.41 10.38 16.72
CA ASP A 318 22.97 9.41 17.66
C ASP A 318 23.55 8.18 16.98
N GLY A 319 23.56 8.14 15.65
CA GLY A 319 24.14 7.04 14.93
C GLY A 319 23.19 5.92 14.57
N THR A 320 21.96 5.96 15.08
CA THR A 320 20.97 4.96 14.69
C THR A 320 20.43 5.28 13.30
N ILE A 321 19.83 4.27 12.68
CA ILE A 321 19.40 4.32 11.29
C ILE A 321 17.88 4.37 11.26
N ASP A 322 17.32 5.28 10.48
CA ASP A 322 15.89 5.27 10.19
C ASP A 322 15.69 4.62 8.83
N PHE A 323 15.49 3.30 8.82
CA PHE A 323 15.33 2.59 7.57
C PHE A 323 14.03 2.95 6.86
N ASP A 324 13.09 3.57 7.55
CA ASP A 324 11.81 3.93 6.95
C ASP A 324 11.86 5.24 6.17
N ASP A 325 12.94 6.02 6.32
CA ASP A 325 12.98 7.36 5.77
C ASP A 325 13.42 7.31 4.31
N GLY A 326 12.50 7.63 3.41
CA GLY A 326 12.80 7.67 2.00
C GLY A 326 12.90 9.07 1.45
N SER A 327 13.23 10.05 2.30
CA SER A 327 13.23 11.43 1.81
C SER A 327 14.47 11.76 0.98
N LYS A 328 15.63 11.16 1.23
CA LYS A 328 16.70 11.20 0.23
C LYS A 328 16.27 10.45 -1.02
N THR A 329 15.87 9.19 -0.86
CA THR A 329 15.42 8.36 -1.96
C THR A 329 14.71 7.14 -1.36
N GLU A 330 13.80 6.58 -2.13
CA GLU A 330 13.25 5.27 -1.78
C GLU A 330 14.22 4.14 -2.09
N ASN A 331 15.22 4.41 -2.93
CA ASN A 331 16.17 3.38 -3.35
C ASN A 331 17.42 3.36 -2.46
N THR A 332 17.21 3.44 -1.14
CA THR A 332 18.31 3.23 -0.21
C THR A 332 18.82 1.81 -0.32
N ARG A 333 20.12 1.62 -0.06
CA ARG A 333 20.77 0.34 -0.30
C ARG A 333 21.75 0.00 0.82
N VAL A 334 22.08 -1.28 0.89
CA VAL A 334 23.26 -1.74 1.62
C VAL A 334 23.94 -2.80 0.78
N SER A 335 25.27 -2.79 0.77
CA SER A 335 26.02 -3.90 0.21
C SER A 335 26.74 -4.64 1.33
N TYR A 336 26.86 -5.95 1.17
CA TYR A 336 27.61 -6.74 2.12
C TYR A 336 28.18 -7.95 1.40
N PRO A 337 29.32 -8.46 1.84
CA PRO A 337 29.80 -9.74 1.32
C PRO A 337 28.80 -10.83 1.69
N ILE A 338 28.69 -11.83 0.81
CA ILE A 338 27.58 -12.76 0.92
C ILE A 338 27.65 -13.56 2.21
N TYR A 339 28.85 -13.77 2.76
CA TYR A 339 28.97 -14.55 3.99
C TYR A 339 28.45 -13.82 5.21
N HIS A 340 27.99 -12.57 5.08
CA HIS A 340 27.28 -11.90 6.16
C HIS A 340 25.90 -12.52 6.40
N ILE A 341 25.43 -13.37 5.50
CA ILE A 341 24.25 -14.20 5.70
C ILE A 341 24.77 -15.58 6.11
N ASP A 342 24.34 -16.09 7.28
CA ASP A 342 24.84 -17.41 7.69
C ASP A 342 24.34 -18.50 6.75
N ASN A 343 23.11 -18.37 6.30
CA ASN A 343 22.38 -19.44 5.61
C ASN A 343 22.62 -19.32 4.11
N ILE A 344 23.88 -19.58 3.70
CA ILE A 344 24.29 -19.50 2.30
C ILE A 344 24.98 -20.80 1.88
N VAL A 345 25.06 -20.99 0.56
CA VAL A 345 25.80 -22.10 -0.02
C VAL A 345 27.29 -21.78 0.04
N LYS A 346 28.08 -22.76 0.48
CA LYS A 346 29.53 -22.67 0.55
C LYS A 346 30.09 -24.03 0.15
N PRO A 347 31.35 -24.09 -0.31
CA PRO A 347 32.35 -23.02 -0.36
C PRO A 347 32.27 -22.09 -1.56
N VAL A 348 31.45 -22.44 -2.54
CA VAL A 348 31.26 -21.63 -3.74
C VAL A 348 29.76 -21.39 -3.90
N SER A 349 29.39 -20.18 -4.35
CA SER A 349 27.98 -19.81 -4.48
C SER A 349 27.42 -20.37 -5.78
N LYS A 350 27.06 -21.65 -5.74
CA LYS A 350 26.50 -22.34 -6.90
C LYS A 350 25.89 -23.65 -6.42
N ALA A 351 24.96 -24.18 -7.21
CA ALA A 351 24.36 -25.47 -6.95
C ALA A 351 23.89 -26.05 -8.27
N GLY A 352 23.00 -27.03 -8.21
CA GLY A 352 22.59 -27.75 -9.40
C GLY A 352 21.59 -26.99 -10.24
N HIS A 353 21.03 -27.69 -11.22
CA HIS A 353 20.03 -27.13 -12.10
C HIS A 353 18.85 -26.58 -11.30
N ALA A 354 18.23 -25.53 -11.82
CA ALA A 354 16.97 -25.07 -11.26
C ALA A 354 15.84 -26.03 -11.60
N THR A 355 15.00 -26.32 -10.61
CA THR A 355 13.77 -27.07 -10.81
C THR A 355 12.54 -26.16 -10.84
N LYS A 356 12.66 -24.95 -10.30
CA LYS A 356 11.57 -24.00 -10.20
C LYS A 356 12.07 -22.65 -10.67
N VAL A 357 11.32 -22.05 -11.59
CA VAL A 357 11.64 -20.75 -12.19
C VAL A 357 10.47 -19.84 -11.88
N ILE A 358 10.72 -18.77 -11.14
CA ILE A 358 9.67 -17.86 -10.71
C ILE A 358 9.89 -16.52 -11.38
N PHE A 359 8.88 -16.03 -12.10
CA PHE A 359 8.91 -14.70 -12.68
C PHE A 359 8.12 -13.78 -11.75
N LEU A 360 8.78 -12.78 -11.17
CA LEU A 360 8.12 -11.81 -10.30
C LEU A 360 7.67 -10.63 -11.16
N THR A 361 6.36 -10.37 -11.13
CA THR A 361 5.78 -9.22 -11.83
C THR A 361 5.14 -8.29 -10.81
N ALA A 362 5.64 -7.07 -10.72
CA ALA A 362 5.03 -6.06 -9.87
C ALA A 362 3.99 -5.35 -10.72
N ASP A 363 2.79 -5.94 -10.78
CA ASP A 363 1.75 -5.48 -11.69
C ASP A 363 1.00 -4.32 -11.04
N ALA A 364 1.19 -3.11 -11.56
CA ALA A 364 0.53 -1.93 -11.03
C ALA A 364 -0.91 -1.79 -11.50
N PHE A 365 -1.36 -2.62 -12.45
CA PHE A 365 -2.73 -2.63 -12.90
C PHE A 365 -3.64 -3.49 -12.04
N GLY A 366 -3.07 -4.31 -11.15
CA GLY A 366 -3.89 -5.19 -10.33
C GLY A 366 -4.71 -6.17 -11.15
N VAL A 367 -4.17 -6.62 -12.27
CA VAL A 367 -4.85 -7.54 -13.18
C VAL A 367 -4.39 -8.98 -12.97
N LEU A 368 -3.12 -9.17 -12.70
CA LEU A 368 -2.57 -10.52 -12.74
C LEU A 368 -2.75 -11.24 -11.40
N PRO A 369 -2.89 -12.57 -11.44
CA PRO A 369 -3.12 -13.32 -10.20
C PRO A 369 -1.89 -13.29 -9.32
N PRO A 370 -2.06 -13.41 -8.00
CA PRO A 370 -0.90 -13.60 -7.13
C PRO A 370 0.01 -14.73 -7.60
N VAL A 371 -0.56 -15.82 -8.12
CA VAL A 371 0.27 -16.91 -8.66
C VAL A 371 -0.47 -17.61 -9.78
N SER A 372 0.29 -17.88 -10.86
CA SER A 372 -0.17 -18.67 -11.99
C SER A 372 0.92 -19.68 -12.33
N ARG A 373 0.50 -20.88 -12.72
CA ARG A 373 1.41 -21.92 -13.19
C ARG A 373 1.44 -21.87 -14.71
N LEU A 374 2.61 -21.61 -15.29
CA LEU A 374 2.71 -21.31 -16.71
C LEU A 374 2.91 -22.57 -17.56
N THR A 375 2.34 -22.54 -18.76
CA THR A 375 2.69 -23.54 -19.75
C THR A 375 4.08 -23.23 -20.31
N ALA A 376 4.61 -24.18 -21.10
CA ALA A 376 5.92 -23.99 -21.69
C ALA A 376 5.95 -22.76 -22.59
N ASP A 377 4.92 -22.59 -23.43
CA ASP A 377 4.91 -21.43 -24.33
C ASP A 377 4.65 -20.15 -23.56
N GLN A 378 3.81 -20.20 -22.54
CA GLN A 378 3.60 -19.02 -21.71
C GLN A 378 4.88 -18.61 -21.00
N THR A 379 5.71 -19.57 -20.64
CA THR A 379 6.98 -19.25 -20.01
C THR A 379 7.84 -18.39 -20.94
N GLN A 380 7.95 -18.81 -22.20
CA GLN A 380 8.72 -18.02 -23.17
C GLN A 380 8.08 -16.67 -23.42
N TYR A 381 6.74 -16.65 -23.57
CA TYR A 381 6.05 -15.40 -23.83
C TYR A 381 6.28 -14.40 -22.71
N HIS A 382 6.09 -14.83 -21.46
CA HIS A 382 6.20 -13.92 -20.35
C HIS A 382 7.64 -13.56 -20.00
N PHE A 383 8.59 -14.42 -20.35
CA PHE A 383 9.99 -14.07 -20.16
C PHE A 383 10.40 -12.97 -21.12
N LEU A 384 10.05 -13.10 -22.40
CA LEU A 384 10.35 -12.04 -23.36
C LEU A 384 9.61 -10.76 -23.03
N SER A 385 8.36 -10.88 -22.56
CA SER A 385 7.57 -9.69 -22.26
C SER A 385 8.15 -8.94 -21.06
N GLY A 386 8.42 -9.67 -19.98
CA GLY A 386 9.00 -9.06 -18.80
C GLY A 386 8.15 -7.96 -18.19
N PHE A 387 6.84 -8.16 -18.13
CA PHE A 387 5.99 -7.12 -17.58
C PHE A 387 6.16 -7.01 -16.08
N THR A 388 6.47 -5.80 -15.61
CA THR A 388 6.64 -5.55 -14.18
C THR A 388 6.58 -4.05 -13.96
N ALA A 389 7.25 -3.56 -12.91
CA ALA A 389 7.30 -2.13 -12.65
C ALA A 389 8.68 -1.75 -12.17
N LYS A 390 9.10 -0.54 -12.56
CA LYS A 390 10.27 0.12 -12.00
C LYS A 390 9.81 0.89 -10.77
N LEU A 391 10.48 0.64 -9.64
CA LEU A 391 10.09 1.29 -8.39
C LEU A 391 10.89 2.58 -8.20
N ALA A 392 10.37 3.43 -7.33
CA ALA A 392 10.91 4.78 -7.19
C ALA A 392 12.41 4.77 -6.91
N GLY A 393 13.12 5.62 -7.64
CA GLY A 393 14.54 5.82 -7.41
C GLY A 393 15.45 4.80 -8.06
N THR A 394 14.93 3.65 -8.52
CA THR A 394 15.82 2.59 -9.01
C THR A 394 16.58 3.05 -10.24
N GLU A 395 15.94 3.86 -11.08
CA GLU A 395 16.61 4.63 -12.11
C GLU A 395 16.31 6.09 -11.85
N ARG A 396 17.28 6.94 -12.15
CA ARG A 396 17.11 8.35 -11.86
C ARG A 396 15.90 8.90 -12.60
N GLY A 397 15.08 9.67 -11.89
CA GLY A 397 13.88 10.23 -12.46
C GLY A 397 12.63 9.42 -12.28
N ILE A 398 12.74 8.16 -11.85
CA ILE A 398 11.55 7.36 -11.52
C ILE A 398 11.12 7.75 -10.11
N THR A 399 9.92 8.31 -10.00
CA THR A 399 9.44 8.85 -8.73
C THR A 399 8.27 8.06 -8.16
N GLU A 400 7.76 7.06 -8.88
CA GLU A 400 6.62 6.28 -8.45
C GLU A 400 6.65 4.97 -9.22
N PRO A 401 5.91 3.96 -8.78
CA PRO A 401 5.89 2.70 -9.54
C PRO A 401 5.50 2.96 -10.99
N THR A 402 6.32 2.46 -11.90
CA THR A 402 6.20 2.78 -13.32
C THR A 402 6.12 1.47 -14.10
N PRO A 403 4.94 1.10 -14.60
CA PRO A 403 4.85 -0.14 -15.37
C PRO A 403 5.84 -0.15 -16.53
N THR A 404 6.39 -1.32 -16.80
CA THR A 404 7.37 -1.47 -17.86
C THR A 404 7.31 -2.89 -18.40
N PHE A 405 7.69 -3.04 -19.67
CA PHE A 405 8.00 -4.34 -20.25
C PHE A 405 9.52 -4.41 -20.31
N SER A 406 10.11 -5.14 -19.39
CA SER A 406 11.55 -5.25 -19.26
C SER A 406 11.93 -6.67 -19.71
N ALA A 407 12.29 -6.81 -20.98
CA ALA A 407 12.55 -8.13 -21.54
C ALA A 407 13.49 -8.90 -20.63
N CYS A 408 13.16 -10.18 -20.41
CA CYS A 408 13.98 -11.08 -19.61
C CYS A 408 14.07 -10.64 -18.15
N PHE A 409 13.15 -9.77 -17.74
CA PHE A 409 13.18 -9.16 -16.41
C PHE A 409 14.51 -8.48 -16.10
N GLY A 410 15.15 -7.93 -17.12
CA GLY A 410 16.39 -7.20 -16.93
C GLY A 410 16.85 -6.50 -18.19
N ALA A 411 15.93 -5.82 -18.88
CA ALA A 411 16.24 -5.24 -20.18
C ALA A 411 17.42 -4.27 -20.11
N ALA A 412 17.50 -3.51 -19.02
CA ALA A 412 18.54 -2.50 -18.88
C ALA A 412 19.95 -3.08 -18.93
N PHE A 413 20.10 -4.38 -18.75
CA PHE A 413 21.41 -5.01 -18.67
C PHE A 413 21.70 -5.95 -19.83
N LEU A 414 20.79 -6.05 -20.79
CA LEU A 414 20.96 -6.98 -21.90
C LEU A 414 21.89 -6.37 -22.93
N SER A 415 22.87 -7.16 -23.37
CA SER A 415 23.79 -6.79 -24.41
C SER A 415 23.51 -7.49 -25.73
N LEU A 416 22.75 -8.57 -25.69
CA LEU A 416 22.30 -9.32 -26.85
C LEU A 416 20.78 -9.18 -26.96
N HIS A 417 20.23 -9.71 -28.04
CA HIS A 417 18.79 -9.60 -28.24
C HIS A 417 18.06 -10.46 -27.20
N PRO A 418 16.91 -10.01 -26.73
CA PRO A 418 16.16 -10.83 -25.75
C PRO A 418 15.97 -12.28 -26.14
N THR A 419 15.74 -12.59 -27.41
CA THR A 419 15.52 -13.98 -27.80
C THR A 419 16.74 -14.84 -27.57
N GLN A 420 17.93 -14.26 -27.55
CA GLN A 420 19.14 -15.03 -27.29
C GLN A 420 19.17 -15.53 -25.84
N TYR A 421 18.70 -14.70 -24.91
CA TYR A 421 18.57 -15.13 -23.51
C TYR A 421 17.46 -16.17 -23.36
N ALA A 422 16.34 -15.94 -24.04
CA ALA A 422 15.21 -16.86 -23.95
C ALA A 422 15.57 -18.24 -24.46
N GLU A 423 16.31 -18.32 -25.56
CA GLU A 423 16.56 -19.64 -26.13
C GLU A 423 17.46 -20.46 -25.20
N VAL A 424 18.46 -19.83 -24.59
N VAL A 424 18.46 -19.84 -24.58
CA VAL A 424 19.32 -20.59 -23.69
CA VAL A 424 19.33 -20.60 -23.69
C VAL A 424 18.57 -20.98 -22.42
C VAL A 424 18.60 -20.97 -22.40
N LEU A 425 17.74 -20.07 -21.89
CA LEU A 425 16.99 -20.40 -20.68
C LEU A 425 16.05 -21.57 -20.93
N VAL A 426 15.36 -21.57 -22.07
CA VAL A 426 14.44 -22.65 -22.39
C VAL A 426 15.17 -23.98 -22.49
N LYS A 427 16.32 -23.99 -23.16
CA LYS A 427 17.09 -25.22 -23.29
C LYS A 427 17.47 -25.76 -21.92
N ARG A 428 17.90 -24.89 -21.01
CA ARG A 428 18.26 -25.33 -19.66
C ARG A 428 17.04 -25.83 -18.90
N MET A 429 15.92 -25.11 -19.00
CA MET A 429 14.71 -25.54 -18.31
C MET A 429 14.21 -26.88 -18.85
N GLN A 430 14.23 -27.06 -20.17
CA GLN A 430 13.78 -28.31 -20.76
C GLN A 430 14.64 -29.48 -20.27
N ALA A 431 15.95 -29.28 -20.21
CA ALA A 431 16.83 -30.36 -19.77
C ALA A 431 16.56 -30.74 -18.32
N ALA A 432 16.14 -29.76 -17.51
CA ALA A 432 15.89 -29.99 -16.09
C ALA A 432 14.45 -30.41 -15.80
N GLY A 433 13.54 -30.26 -16.76
CA GLY A 433 12.13 -30.44 -16.45
C GLY A 433 11.61 -29.38 -15.51
N ALA A 434 12.19 -28.18 -15.55
CA ALA A 434 11.80 -27.13 -14.62
C ALA A 434 10.42 -26.60 -14.94
N GLN A 435 9.71 -26.18 -13.90
CA GLN A 435 8.38 -25.58 -14.01
C GLN A 435 8.47 -24.10 -13.68
N ALA A 436 7.75 -23.27 -14.42
CA ALA A 436 7.73 -21.83 -14.22
C ALA A 436 6.40 -21.36 -13.65
N TYR A 437 6.49 -20.30 -12.85
CA TYR A 437 5.36 -19.68 -12.20
C TYR A 437 5.47 -18.17 -12.37
N LEU A 438 4.34 -17.51 -12.56
CA LEU A 438 4.25 -16.07 -12.62
C LEU A 438 3.61 -15.59 -11.32
N VAL A 439 4.32 -14.74 -10.58
CA VAL A 439 3.91 -14.33 -9.25
C VAL A 439 3.77 -12.83 -9.22
N ASN A 440 2.56 -12.33 -8.91
CA ASN A 440 2.31 -10.90 -8.82
C ASN A 440 2.74 -10.41 -7.44
N THR A 441 3.85 -9.69 -7.39
CA THR A 441 4.32 -9.03 -6.19
C THR A 441 3.98 -7.54 -6.20
N GLY A 442 3.08 -7.12 -7.08
CA GLY A 442 2.69 -5.74 -7.22
C GLY A 442 1.46 -5.41 -6.41
N TRP A 443 0.36 -5.11 -7.08
CA TRP A 443 -0.82 -4.56 -6.46
C TRP A 443 -2.04 -5.37 -6.86
N ASN A 444 -3.09 -5.29 -6.04
CA ASN A 444 -4.35 -5.96 -6.29
C ASN A 444 -5.37 -4.97 -6.85
N GLY A 445 -6.61 -5.43 -7.02
CA GLY A 445 -7.63 -4.67 -7.72
C GLY A 445 -8.10 -3.43 -6.99
N THR A 446 -7.75 -3.28 -5.73
CA THR A 446 -8.06 -2.11 -4.95
C THR A 446 -6.95 -1.09 -4.96
N GLY A 447 -5.76 -1.46 -5.43
CA GLY A 447 -4.60 -0.60 -5.36
C GLY A 447 -3.70 -0.85 -4.17
N LYS A 448 -3.98 -1.88 -3.39
CA LYS A 448 -3.15 -2.23 -2.25
C LYS A 448 -2.01 -3.14 -2.69
N ARG A 449 -0.81 -2.88 -2.17
CA ARG A 449 0.32 -3.75 -2.45
C ARG A 449 0.06 -5.15 -1.89
N ILE A 450 0.36 -6.17 -2.70
CA ILE A 450 0.22 -7.54 -2.23
C ILE A 450 1.20 -7.78 -1.10
N SER A 451 0.71 -8.36 -0.01
CA SER A 451 1.48 -8.46 1.22
C SER A 451 2.61 -9.47 1.09
N ILE A 452 3.74 -9.16 1.73
CA ILE A 452 4.86 -10.09 1.69
C ILE A 452 4.52 -11.40 2.38
N LYS A 453 3.64 -11.37 3.38
CA LYS A 453 3.21 -12.61 4.02
C LYS A 453 2.52 -13.52 3.01
N ASP A 454 1.66 -12.95 2.17
CA ASP A 454 0.99 -13.75 1.15
C ASP A 454 1.97 -14.26 0.10
N THR A 455 2.88 -13.41 -0.36
CA THR A 455 3.84 -13.86 -1.36
C THR A 455 4.75 -14.95 -0.80
N ARG A 456 5.18 -14.82 0.45
CA ARG A 456 6.01 -15.86 1.04
C ARG A 456 5.29 -17.18 1.11
N ALA A 457 3.99 -17.16 1.45
CA ALA A 457 3.21 -18.39 1.50
C ALA A 457 3.05 -18.99 0.11
N ILE A 458 2.91 -18.14 -0.91
CA ILE A 458 2.81 -18.62 -2.28
C ILE A 458 4.12 -19.30 -2.69
N ILE A 459 5.25 -18.68 -2.38
CA ILE A 459 6.53 -19.27 -2.72
C ILE A 459 6.69 -20.62 -2.02
N ASP A 460 6.30 -20.69 -0.74
CA ASP A 460 6.35 -21.96 -0.02
C ASP A 460 5.61 -23.04 -0.79
N ALA A 461 4.42 -22.72 -1.27
CA ALA A 461 3.59 -23.71 -1.96
C ALA A 461 4.17 -24.08 -3.31
N ILE A 462 4.84 -23.14 -3.98
CA ILE A 462 5.56 -23.48 -5.20
C ILE A 462 6.69 -24.44 -4.89
N LEU A 463 7.51 -24.10 -3.90
CA LEU A 463 8.78 -24.81 -3.71
C LEU A 463 8.60 -26.21 -3.12
N ASN A 464 7.53 -26.43 -2.37
CA ASN A 464 7.32 -27.79 -1.86
C ASN A 464 6.60 -28.69 -2.87
N GLY A 465 6.40 -28.19 -4.09
CA GLY A 465 5.81 -28.96 -5.15
C GLY A 465 4.30 -29.06 -5.11
N SER A 466 3.65 -28.43 -4.14
CA SER A 466 2.23 -28.61 -3.94
C SER A 466 1.38 -28.00 -5.06
N LEU A 467 1.95 -27.13 -5.90
CA LEU A 467 1.19 -26.53 -6.99
C LEU A 467 1.41 -27.22 -8.33
N ASP A 468 2.44 -28.07 -8.45
CA ASP A 468 2.83 -28.57 -9.76
C ASP A 468 1.72 -29.36 -10.44
N ASN A 469 0.93 -30.09 -9.64
CA ASN A 469 -0.15 -30.91 -10.18
C ASN A 469 -1.47 -30.59 -9.49
N ALA A 470 -1.59 -29.38 -8.94
CA ALA A 470 -2.80 -28.97 -8.22
C ALA A 470 -3.91 -28.58 -9.18
N GLU A 471 -5.14 -28.66 -8.70
CA GLU A 471 -6.30 -28.26 -9.48
C GLU A 471 -6.28 -26.77 -9.72
N THR A 472 -6.74 -26.35 -10.91
CA THR A 472 -6.68 -24.95 -11.30
C THR A 472 -7.97 -24.53 -11.96
N PHE A 473 -8.13 -23.20 -12.05
CA PHE A 473 -9.11 -22.57 -12.93
C PHE A 473 -8.35 -21.60 -13.80
N THR A 474 -8.95 -21.22 -14.92
CA THR A 474 -8.27 -20.43 -15.95
C THR A 474 -8.77 -19.00 -15.96
N LEU A 475 -7.85 -18.06 -15.88
CA LEU A 475 -8.20 -16.65 -15.94
C LEU A 475 -8.52 -16.27 -17.38
N PRO A 476 -9.64 -15.60 -17.63
CA PRO A 476 -9.96 -15.20 -19.01
C PRO A 476 -8.90 -14.27 -19.59
N MET A 477 -8.82 -14.30 -20.93
N MET A 477 -8.83 -14.27 -20.93
CA MET A 477 -7.95 -13.44 -21.73
CA MET A 477 -7.95 -13.42 -21.72
C MET A 477 -6.48 -13.82 -21.59
C MET A 477 -6.47 -13.78 -21.59
N PHE A 478 -5.94 -13.78 -20.37
CA PHE A 478 -4.56 -14.18 -20.17
C PHE A 478 -4.37 -15.68 -20.18
N ASN A 479 -5.45 -16.43 -19.99
CA ASN A 479 -5.42 -17.89 -20.06
C ASN A 479 -4.42 -18.48 -19.06
N LEU A 480 -4.36 -17.89 -17.87
CA LEU A 480 -3.42 -18.33 -16.84
C LEU A 480 -4.10 -19.31 -15.90
N ALA A 481 -3.40 -20.40 -15.61
CA ALA A 481 -3.89 -21.42 -14.70
C ALA A 481 -3.60 -21.01 -13.26
N ILE A 482 -4.65 -20.90 -12.45
CA ILE A 482 -4.56 -20.42 -11.08
C ILE A 482 -4.96 -21.58 -10.17
N PRO A 483 -4.21 -21.87 -9.12
CA PRO A 483 -4.66 -22.91 -8.18
C PRO A 483 -5.96 -22.52 -7.50
N THR A 484 -6.82 -23.52 -7.25
CA THR A 484 -8.12 -23.25 -6.64
C THR A 484 -8.00 -22.92 -5.15
N GLU A 485 -6.92 -23.37 -4.51
CA GLU A 485 -6.65 -23.01 -3.12
C GLU A 485 -5.17 -23.22 -2.86
N LEU A 486 -4.69 -22.65 -1.77
CA LEU A 486 -3.28 -22.65 -1.46
C LEU A 486 -3.09 -22.58 0.05
N PRO A 487 -2.42 -23.53 0.67
CA PRO A 487 -2.26 -23.51 2.13
C PRO A 487 -1.65 -22.20 2.62
N GLY A 488 -2.29 -21.60 3.62
CA GLY A 488 -1.74 -20.42 4.25
C GLY A 488 -2.06 -19.12 3.54
N VAL A 489 -2.92 -19.15 2.53
CA VAL A 489 -3.34 -17.94 1.82
C VAL A 489 -4.86 -17.94 1.76
N ASP A 490 -5.44 -16.75 1.90
CA ASP A 490 -6.87 -16.55 1.70
C ASP A 490 -7.23 -16.93 0.28
N THR A 491 -8.06 -17.96 0.12
CA THR A 491 -8.49 -18.39 -1.20
C THR A 491 -9.02 -17.24 -2.03
N LYS A 492 -9.65 -16.26 -1.40
CA LYS A 492 -10.30 -15.18 -2.14
C LYS A 492 -9.32 -14.34 -2.93
N ILE A 493 -8.04 -14.26 -2.52
CA ILE A 493 -7.10 -13.41 -3.24
C ILE A 493 -6.56 -14.07 -4.50
N LEU A 494 -6.76 -15.38 -4.67
CA LEU A 494 -6.12 -16.08 -5.78
C LEU A 494 -6.69 -15.63 -7.12
N ASP A 495 -7.97 -15.30 -7.16
CA ASP A 495 -8.60 -14.77 -8.36
C ASP A 495 -8.48 -13.25 -8.33
N PRO A 496 -7.73 -12.63 -9.24
CA PRO A 496 -7.52 -11.18 -9.13
C PRO A 496 -8.78 -10.35 -9.28
N ARG A 497 -9.85 -10.93 -9.80
CA ARG A 497 -11.11 -10.19 -9.92
C ARG A 497 -11.74 -9.91 -8.56
N ASN A 498 -11.42 -10.69 -7.53
CA ASN A 498 -12.16 -10.61 -6.28
C ASN A 498 -11.82 -9.34 -5.48
N THR A 499 -10.64 -8.78 -5.65
CA THR A 499 -10.23 -7.62 -4.86
C THR A 499 -10.70 -6.30 -5.46
N TYR A 500 -11.45 -6.32 -6.56
CA TYR A 500 -12.02 -5.10 -7.11
C TYR A 500 -13.32 -4.78 -6.42
N ALA A 501 -13.49 -3.50 -6.06
CA ALA A 501 -14.79 -3.07 -5.56
C ALA A 501 -15.88 -3.28 -6.59
N SER A 502 -15.53 -3.15 -7.88
CA SER A 502 -16.45 -3.40 -9.00
C SER A 502 -15.74 -4.35 -9.95
N PRO A 503 -16.10 -5.64 -9.95
CA PRO A 503 -15.33 -6.59 -10.79
C PRO A 503 -15.36 -6.29 -12.28
N GLU A 504 -16.36 -5.57 -12.79
CA GLU A 504 -16.31 -5.19 -14.20
C GLU A 504 -15.07 -4.37 -14.51
N GLN A 505 -14.53 -3.68 -13.51
CA GLN A 505 -13.33 -2.88 -13.74
C GLN A 505 -12.10 -3.75 -13.97
N TRP A 506 -12.08 -4.99 -13.44
CA TRP A 506 -11.01 -5.90 -13.83
C TRP A 506 -11.05 -6.14 -15.33
N GLN A 507 -12.24 -6.32 -15.89
CA GLN A 507 -12.36 -6.54 -17.32
C GLN A 507 -11.76 -5.39 -18.10
N GLU A 508 -12.05 -4.16 -17.68
CA GLU A 508 -11.54 -2.99 -18.38
C GLU A 508 -10.02 -2.91 -18.27
N LYS A 509 -9.49 -3.09 -17.07
CA LYS A 509 -8.05 -3.00 -16.88
C LYS A 509 -7.32 -4.16 -17.54
N ALA A 510 -7.93 -5.35 -17.51
CA ALA A 510 -7.33 -6.50 -18.17
C ALA A 510 -7.28 -6.32 -19.67
N GLU A 511 -8.34 -5.77 -20.27
CA GLU A 511 -8.30 -5.50 -21.70
C GLU A 511 -7.19 -4.51 -22.03
N THR A 512 -7.04 -3.48 -21.20
CA THR A 512 -5.99 -2.49 -21.42
C THR A 512 -4.61 -3.14 -21.33
N LEU A 513 -4.39 -3.93 -20.28
CA LEU A 513 -3.09 -4.57 -20.12
C LEU A 513 -2.84 -5.62 -21.20
N ALA A 514 -3.88 -6.38 -21.56
CA ALA A 514 -3.74 -7.35 -22.64
C ALA A 514 -3.26 -6.67 -23.92
N LYS A 515 -3.86 -5.53 -24.27
CA LYS A 515 -3.43 -4.82 -25.47
C LYS A 515 -1.98 -4.34 -25.34
N LEU A 516 -1.59 -3.87 -24.16
CA LEU A 516 -0.21 -3.48 -23.96
C LEU A 516 0.74 -4.65 -24.20
N PHE A 517 0.40 -5.83 -23.68
CA PHE A 517 1.22 -7.02 -23.90
C PHE A 517 1.30 -7.35 -25.39
N ILE A 518 0.15 -7.35 -26.07
CA ILE A 518 0.12 -7.73 -27.48
C ILE A 518 0.97 -6.76 -28.29
N ASP A 519 0.82 -5.47 -28.04
CA ASP A 519 1.59 -4.49 -28.80
C ASP A 519 3.08 -4.60 -28.49
N ASN A 520 3.42 -4.82 -27.22
CA ASN A 520 4.83 -4.97 -26.87
C ASN A 520 5.43 -6.21 -27.53
N PHE A 521 4.64 -7.28 -27.63
CA PHE A 521 5.18 -8.55 -28.12
C PHE A 521 5.31 -8.58 -29.63
N ASP A 522 4.62 -7.67 -30.33
CA ASP A 522 4.59 -7.71 -31.79
C ASP A 522 5.99 -7.78 -32.38
N LYS A 523 6.94 -7.05 -31.79
CA LYS A 523 8.28 -6.99 -32.37
C LYS A 523 8.99 -8.35 -32.35
N TYR A 524 8.56 -9.28 -31.49
CA TYR A 524 9.16 -10.60 -31.44
C TYR A 524 8.54 -11.56 -32.44
N THR A 525 7.53 -11.14 -33.19
CA THR A 525 6.82 -12.04 -34.09
C THR A 525 7.43 -12.06 -35.49
N ASP A 526 8.65 -11.55 -35.64
CA ASP A 526 9.31 -11.53 -36.95
C ASP A 526 10.03 -12.83 -37.26
N THR A 527 9.87 -13.86 -36.44
CA THR A 527 10.31 -15.21 -36.72
C THR A 527 9.13 -16.15 -36.56
N PRO A 528 9.16 -17.32 -37.21
CA PRO A 528 8.07 -18.28 -37.00
C PRO A 528 7.88 -18.66 -35.55
N ALA A 529 8.97 -18.87 -34.82
CA ALA A 529 8.87 -19.26 -33.42
C ALA A 529 8.21 -18.17 -32.59
N GLY A 530 8.59 -16.91 -32.83
CA GLY A 530 7.97 -15.81 -32.11
C GLY A 530 6.51 -15.64 -32.46
N ALA A 531 6.18 -15.75 -33.74
CA ALA A 531 4.78 -15.66 -34.16
C ALA A 531 3.96 -16.76 -33.49
N ALA A 532 4.54 -17.95 -33.33
CA ALA A 532 3.82 -19.06 -32.73
C ALA A 532 3.52 -18.81 -31.25
N LEU A 533 4.32 -17.97 -30.59
CA LEU A 533 4.09 -17.68 -29.17
C LEU A 533 2.93 -16.73 -28.94
N VAL A 534 2.44 -16.03 -29.97
CA VAL A 534 1.32 -15.12 -29.77
C VAL A 534 0.13 -15.85 -29.16
N ALA A 535 -0.07 -17.11 -29.54
CA ALA A 535 -1.20 -17.89 -29.02
C ALA A 535 -1.12 -18.12 -27.53
N ALA A 536 0.07 -17.98 -26.94
CA ALA A 536 0.25 -18.16 -25.51
C ALA A 536 0.12 -16.87 -24.72
N GLY A 537 0.04 -15.73 -25.40
CA GLY A 537 -0.14 -14.46 -24.74
C GLY A 537 -1.62 -14.15 -24.55
N PRO A 538 -1.92 -12.98 -24.01
CA PRO A 538 -3.32 -12.62 -23.81
C PRO A 538 -4.03 -12.44 -25.15
N LYS A 539 -5.33 -12.73 -25.14
CA LYS A 539 -6.16 -12.67 -26.32
C LYS A 539 -7.39 -11.83 -26.01
N LEU A 540 -7.67 -10.83 -26.84
CA LEU A 540 -8.87 -10.03 -26.68
C LEU A 540 -10.04 -10.68 -27.41
N LEU B 7 -36.20 -18.02 22.37
CA LEU B 7 -36.68 -17.85 21.01
C LEU B 7 -36.78 -19.20 20.29
N THR B 8 -37.93 -19.46 19.65
CA THR B 8 -38.20 -20.74 19.03
C THR B 8 -37.89 -20.70 17.54
N PRO B 9 -37.60 -21.85 16.93
CA PRO B 9 -37.31 -21.86 15.48
C PRO B 9 -38.45 -21.30 14.64
N GLN B 10 -39.69 -21.46 15.09
CA GLN B 10 -40.82 -20.96 14.32
C GLN B 10 -40.77 -19.45 14.13
N GLU B 11 -40.22 -18.72 15.11
CA GLU B 11 -40.07 -17.28 14.94
C GLU B 11 -39.15 -16.95 13.76
N LEU B 12 -38.16 -17.79 13.50
CA LEU B 12 -37.24 -17.54 12.39
C LEU B 12 -37.81 -18.03 11.06
N GLU B 13 -38.66 -19.05 11.10
CA GLU B 13 -39.28 -19.52 9.87
C GLU B 13 -40.18 -18.45 9.26
N ALA B 14 -40.67 -17.52 10.08
CA ALA B 14 -41.46 -16.41 9.54
C ALA B 14 -40.66 -15.58 8.54
N TYR B 15 -39.34 -15.58 8.65
CA TYR B 15 -38.49 -14.79 7.76
C TYR B 15 -38.05 -15.57 6.53
N GLY B 16 -38.40 -16.85 6.43
CA GLY B 16 -38.01 -17.68 5.30
C GLY B 16 -36.91 -18.68 5.61
N ILE B 17 -36.40 -18.70 6.84
CA ILE B 17 -35.36 -19.65 7.22
C ILE B 17 -36.04 -20.95 7.60
N SER B 18 -35.42 -22.07 7.20
N SER B 18 -35.43 -22.07 7.20
CA SER B 18 -35.99 -23.39 7.41
CA SER B 18 -36.02 -23.37 7.45
C SER B 18 -35.03 -24.27 8.18
C SER B 18 -35.03 -24.29 8.16
N ASP B 19 -35.57 -25.32 8.79
CA ASP B 19 -34.79 -26.38 9.41
C ASP B 19 -33.75 -25.83 10.38
N VAL B 20 -34.20 -24.96 11.29
CA VAL B 20 -33.28 -24.36 12.25
C VAL B 20 -32.90 -25.41 13.29
N HIS B 21 -31.59 -25.65 13.44
CA HIS B 21 -31.11 -26.74 14.29
C HIS B 21 -31.03 -26.37 15.76
N ASP B 22 -31.07 -25.08 16.09
CA ASP B 22 -30.59 -24.62 17.38
C ASP B 22 -30.37 -23.12 17.32
N ILE B 23 -30.77 -22.41 18.37
CA ILE B 23 -30.71 -20.95 18.41
C ILE B 23 -29.96 -20.54 19.66
N VAL B 24 -28.91 -19.74 19.46
CA VAL B 24 -28.18 -19.13 20.57
C VAL B 24 -28.69 -17.69 20.66
N TYR B 25 -29.57 -17.43 21.62
CA TYR B 25 -30.32 -16.19 21.71
C TYR B 25 -29.69 -15.26 22.74
N ASN B 26 -29.44 -14.02 22.32
CA ASN B 26 -28.75 -13.00 23.12
C ASN B 26 -27.68 -13.61 24.03
N PRO B 27 -26.67 -14.23 23.44
CA PRO B 27 -25.58 -14.80 24.22
C PRO B 27 -24.87 -13.76 25.06
N SER B 28 -24.42 -14.19 26.22
CA SER B 28 -23.59 -13.34 27.07
C SER B 28 -22.21 -13.15 26.43
N TYR B 29 -21.51 -12.12 26.92
CA TYR B 29 -20.13 -11.94 26.50
C TYR B 29 -19.29 -13.15 26.83
N ASP B 30 -19.52 -13.78 27.98
CA ASP B 30 -18.73 -14.96 28.34
C ASP B 30 -18.91 -16.07 27.33
N LEU B 31 -20.17 -16.37 26.97
CA LEU B 31 -20.41 -17.43 26.00
C LEU B 31 -19.82 -17.08 24.63
N LEU B 32 -19.95 -15.82 24.22
CA LEU B 32 -19.38 -15.43 22.93
C LEU B 32 -17.88 -15.66 22.88
N TYR B 33 -17.18 -15.35 23.98
CA TYR B 33 -15.75 -15.60 24.06
C TYR B 33 -15.44 -17.08 23.87
N GLN B 34 -16.18 -17.94 24.57
CA GLN B 34 -15.97 -19.37 24.40
C GLN B 34 -16.22 -19.79 22.95
N GLU B 35 -17.31 -19.29 22.36
CA GLU B 35 -17.66 -19.66 20.99
C GLU B 35 -16.61 -19.18 20.00
N GLU B 36 -16.08 -17.97 20.19
CA GLU B 36 -15.16 -17.39 19.21
C GLU B 36 -13.84 -18.13 19.16
N LEU B 37 -13.44 -18.75 20.27
CA LEU B 37 -12.16 -19.41 20.38
C LEU B 37 -12.25 -20.92 20.14
N ASP B 38 -13.40 -21.40 19.68
CA ASP B 38 -13.58 -22.78 19.28
C ASP B 38 -12.52 -23.15 18.24
N PRO B 39 -11.68 -24.16 18.47
CA PRO B 39 -10.61 -24.46 17.51
C PRO B 39 -11.09 -25.09 16.21
N SER B 40 -12.36 -25.45 16.09
CA SER B 40 -12.87 -26.01 14.84
C SER B 40 -13.24 -24.95 13.81
N LEU B 41 -13.24 -23.67 14.20
CA LEU B 41 -13.59 -22.62 13.26
C LEU B 41 -12.47 -22.42 12.25
N THR B 42 -12.86 -22.12 11.01
CA THR B 42 -11.91 -21.97 9.91
C THR B 42 -12.22 -20.68 9.16
N GLY B 43 -11.25 -20.26 8.34
CA GLY B 43 -11.46 -19.13 7.47
C GLY B 43 -11.76 -17.86 8.25
N TYR B 44 -12.64 -17.03 7.69
CA TYR B 44 -12.99 -15.76 8.31
C TYR B 44 -13.73 -15.92 9.62
N GLU B 45 -14.19 -17.13 9.96
CA GLU B 45 -14.85 -17.38 11.24
C GLU B 45 -13.87 -17.46 12.40
N ARG B 46 -12.59 -17.68 12.12
CA ARG B 46 -11.61 -17.96 13.18
C ARG B 46 -11.36 -16.72 14.04
N GLY B 47 -11.24 -16.96 15.34
CA GLY B 47 -10.86 -15.93 16.28
C GLY B 47 -9.60 -16.35 16.99
N VAL B 48 -8.76 -15.37 17.33
CA VAL B 48 -7.57 -15.63 18.11
C VAL B 48 -7.53 -14.68 19.28
N LEU B 49 -6.83 -15.09 20.32
CA LEU B 49 -6.73 -14.29 21.53
C LEU B 49 -5.45 -13.47 21.48
N THR B 50 -5.55 -12.20 21.87
CA THR B 50 -4.41 -11.31 21.96
C THR B 50 -3.95 -11.20 23.41
N ASN B 51 -2.76 -10.64 23.58
CA ASN B 51 -2.22 -10.46 24.93
C ASN B 51 -3.02 -9.45 25.75
N LEU B 52 -3.86 -8.65 25.11
CA LEU B 52 -4.73 -7.74 25.84
C LEU B 52 -6.00 -8.41 26.33
N GLY B 53 -6.23 -9.66 25.97
CA GLY B 53 -7.42 -10.38 26.37
C GLY B 53 -8.57 -10.24 25.41
N ALA B 54 -8.42 -9.45 24.36
CA ALA B 54 -9.47 -9.27 23.36
C ALA B 54 -9.29 -10.27 22.24
N VAL B 55 -10.40 -10.77 21.74
CA VAL B 55 -10.41 -11.63 20.58
C VAL B 55 -10.25 -10.79 19.32
N ALA B 56 -9.54 -11.33 18.34
CA ALA B 56 -9.29 -10.68 17.07
C ALA B 56 -9.75 -11.57 15.93
N VAL B 57 -10.37 -10.95 14.93
CA VAL B 57 -10.83 -11.64 13.73
C VAL B 57 -10.29 -10.93 12.50
N ASP B 58 -10.41 -11.61 11.36
CA ASP B 58 -9.92 -11.14 10.07
C ASP B 58 -11.07 -11.27 9.09
N THR B 59 -11.35 -10.21 8.32
CA THR B 59 -12.44 -10.23 7.36
C THR B 59 -11.93 -10.30 5.93
N GLY B 60 -10.68 -10.72 5.76
CA GLY B 60 -10.14 -11.03 4.45
C GLY B 60 -10.06 -9.80 3.57
N ILE B 61 -10.63 -9.91 2.38
CA ILE B 61 -10.60 -8.80 1.43
C ILE B 61 -11.61 -7.72 1.78
N PHE B 62 -12.50 -7.97 2.75
CA PHE B 62 -13.58 -7.03 3.07
C PHE B 62 -13.15 -6.12 4.22
N THR B 63 -12.24 -5.20 3.89
CA THR B 63 -11.58 -4.37 4.88
C THR B 63 -12.22 -3.01 5.06
N GLY B 64 -13.31 -2.74 4.35
CA GLY B 64 -14.06 -1.52 4.51
C GLY B 64 -15.44 -1.70 3.94
N ARG B 65 -16.20 -0.60 3.93
CA ARG B 65 -17.56 -0.65 3.46
C ARG B 65 -17.59 -0.85 1.94
N SER B 66 -18.75 -1.34 1.47
CA SER B 66 -18.98 -1.64 0.07
C SER B 66 -20.16 -0.80 -0.43
N PRO B 67 -19.99 0.51 -0.52
CA PRO B 67 -21.09 1.36 -1.02
C PRO B 67 -21.59 0.95 -2.40
N LYS B 68 -20.69 0.44 -3.25
CA LYS B 68 -21.10 0.05 -4.59
C LYS B 68 -21.99 -1.19 -4.60
N ASP B 69 -22.12 -1.87 -3.47
CA ASP B 69 -23.00 -3.04 -3.34
C ASP B 69 -24.25 -2.74 -2.54
N LYS B 70 -24.53 -1.47 -2.26
CA LYS B 70 -25.68 -1.06 -1.44
C LYS B 70 -26.90 -0.81 -2.32
N TYR B 71 -28.02 -1.47 -1.99
CA TYR B 71 -29.24 -1.36 -2.77
C TYR B 71 -30.44 -1.23 -1.83
N ILE B 72 -31.43 -0.46 -2.26
CA ILE B 72 -32.68 -0.29 -1.53
C ILE B 72 -33.84 -0.58 -2.48
N VAL B 73 -34.76 -1.43 -2.04
CA VAL B 73 -35.92 -1.76 -2.89
C VAL B 73 -36.73 -0.51 -3.14
N ARG B 74 -37.01 -0.24 -4.41
CA ARG B 74 -37.87 0.86 -4.82
C ARG B 74 -39.28 0.32 -4.99
N ASP B 75 -40.17 0.74 -4.11
CA ASP B 75 -41.53 0.25 -4.03
C ASP B 75 -42.41 1.39 -3.56
N ASP B 76 -43.68 1.10 -3.26
CA ASP B 76 -44.58 2.17 -2.88
C ASP B 76 -44.14 2.86 -1.59
N THR B 77 -43.39 2.17 -0.73
CA THR B 77 -42.92 2.77 0.51
C THR B 77 -41.85 3.83 0.26
N THR B 78 -40.92 3.55 -0.66
CA THR B 78 -39.72 4.36 -0.82
C THR B 78 -39.68 5.22 -2.06
N ARG B 79 -40.53 4.96 -3.05
CA ARG B 79 -40.32 5.53 -4.37
C ARG B 79 -40.26 7.05 -4.33
N ASP B 80 -41.22 7.68 -3.65
CA ASP B 80 -41.34 9.13 -3.66
C ASP B 80 -40.52 9.82 -2.57
N THR B 81 -39.92 9.06 -1.66
CA THR B 81 -39.24 9.66 -0.50
C THR B 81 -37.73 9.50 -0.52
N PHE B 82 -37.20 8.43 -1.09
CA PHE B 82 -35.77 8.19 -1.04
C PHE B 82 -35.01 9.10 -2.00
N TRP B 83 -33.80 9.48 -1.58
CA TRP B 83 -32.87 10.23 -2.44
C TRP B 83 -32.14 9.21 -3.31
N TRP B 84 -32.81 8.78 -4.38
CA TRP B 84 -32.30 7.69 -5.21
C TRP B 84 -31.03 8.08 -5.96
N ALA B 85 -30.17 7.08 -6.16
CA ALA B 85 -28.92 7.30 -6.88
C ALA B 85 -29.15 7.70 -8.33
N ASP B 86 -30.29 7.32 -8.90
CA ASP B 86 -30.59 7.61 -10.30
C ASP B 86 -31.60 8.76 -10.46
N LYS B 87 -31.78 9.57 -9.43
CA LYS B 87 -32.76 10.64 -9.44
C LYS B 87 -32.23 11.95 -10.05
N GLY B 88 -30.96 12.00 -10.42
CA GLY B 88 -30.43 13.21 -11.02
C GLY B 88 -30.30 14.36 -10.04
N LYS B 89 -30.22 14.07 -8.74
CA LYS B 89 -30.18 15.09 -7.70
C LYS B 89 -28.92 14.97 -6.85
N GLY B 90 -27.84 14.51 -7.45
CA GLY B 90 -26.57 14.41 -6.77
C GLY B 90 -26.15 12.96 -6.56
N LYS B 91 -24.83 12.78 -6.42
CA LYS B 91 -24.25 11.46 -6.26
C LYS B 91 -24.60 10.87 -4.91
N ASN B 92 -25.03 9.61 -4.91
CA ASN B 92 -25.23 8.89 -3.66
C ASN B 92 -25.24 7.39 -3.95
N ASP B 93 -25.30 6.60 -2.89
CA ASP B 93 -25.22 5.15 -3.01
C ASP B 93 -26.58 4.45 -2.90
N ASN B 94 -27.68 5.20 -2.96
CA ASN B 94 -29.03 4.65 -2.80
C ASN B 94 -29.50 4.06 -4.12
N LYS B 95 -28.89 2.95 -4.49
CA LYS B 95 -29.22 2.36 -5.78
C LYS B 95 -30.52 1.57 -5.68
N PRO B 96 -31.43 1.73 -6.62
CA PRO B 96 -32.73 1.06 -6.53
C PRO B 96 -32.63 -0.41 -6.87
N LEU B 97 -33.50 -1.19 -6.22
CA LEU B 97 -33.57 -2.62 -6.40
C LEU B 97 -35.02 -3.00 -6.66
N SER B 98 -35.22 -3.92 -7.58
CA SER B 98 -36.57 -4.38 -7.85
C SER B 98 -37.04 -5.32 -6.74
N PRO B 99 -38.34 -5.34 -6.46
CA PRO B 99 -38.85 -6.36 -5.52
C PRO B 99 -38.49 -7.77 -5.95
N GLU B 100 -38.46 -8.04 -7.26
CA GLU B 100 -38.14 -9.38 -7.73
C GLU B 100 -36.69 -9.76 -7.39
N THR B 101 -35.75 -8.85 -7.63
CA THR B 101 -34.37 -9.16 -7.30
C THR B 101 -34.18 -9.25 -5.80
N TRP B 102 -34.88 -8.42 -5.04
CA TRP B 102 -34.90 -8.55 -3.58
C TRP B 102 -35.27 -9.97 -3.17
N GLN B 103 -36.33 -10.52 -3.75
CA GLN B 103 -36.76 -11.86 -3.34
C GLN B 103 -35.67 -12.89 -3.63
N HIS B 104 -34.96 -12.72 -4.74
CA HIS B 104 -33.83 -13.59 -5.04
C HIS B 104 -32.75 -13.48 -3.98
N LEU B 105 -32.34 -12.26 -3.65
CA LEU B 105 -31.28 -12.08 -2.65
C LEU B 105 -31.73 -12.61 -1.29
N LYS B 106 -32.98 -12.35 -0.91
CA LYS B 106 -33.47 -12.86 0.35
C LYS B 106 -33.43 -14.39 0.37
N GLY B 107 -33.83 -15.01 -0.74
CA GLY B 107 -33.77 -16.46 -0.82
C GLY B 107 -32.36 -17.01 -0.67
N LEU B 108 -31.38 -16.31 -1.23
CA LEU B 108 -29.99 -16.74 -1.06
C LEU B 108 -29.62 -16.75 0.42
N VAL B 109 -29.94 -15.68 1.13
CA VAL B 109 -29.53 -15.55 2.51
C VAL B 109 -30.30 -16.52 3.40
N THR B 110 -31.62 -16.63 3.20
CA THR B 110 -32.38 -17.54 4.05
C THR B 110 -31.98 -18.99 3.81
N ARG B 111 -31.65 -19.36 2.57
CA ARG B 111 -31.14 -20.70 2.31
C ARG B 111 -29.80 -20.91 3.00
N GLN B 112 -28.92 -19.91 2.93
CA GLN B 112 -27.62 -20.01 3.60
C GLN B 112 -27.78 -20.21 5.10
N LEU B 113 -28.77 -19.57 5.71
CA LEU B 113 -28.96 -19.65 7.15
C LEU B 113 -29.84 -20.82 7.57
N SER B 114 -30.34 -21.61 6.63
CA SER B 114 -31.18 -22.76 6.96
C SER B 114 -30.33 -23.98 7.31
N GLY B 115 -30.89 -24.83 8.17
CA GLY B 115 -30.20 -26.06 8.54
C GLY B 115 -28.98 -25.84 9.38
N LYS B 116 -28.91 -24.73 10.10
CA LYS B 116 -27.73 -24.28 10.82
C LYS B 116 -28.08 -24.02 12.28
N ARG B 117 -27.08 -24.08 13.12
CA ARG B 117 -27.11 -23.37 14.39
C ARG B 117 -27.00 -21.88 14.11
N LEU B 118 -27.91 -21.09 14.68
CA LEU B 118 -27.93 -19.65 14.45
C LEU B 118 -27.78 -18.88 15.75
N PHE B 119 -27.13 -17.74 15.65
CA PHE B 119 -27.06 -16.76 16.71
C PHE B 119 -28.07 -15.66 16.41
N VAL B 120 -28.85 -15.29 17.41
CA VAL B 120 -29.86 -14.25 17.27
C VAL B 120 -29.63 -13.24 18.38
N VAL B 121 -29.48 -11.97 18.00
CA VAL B 121 -29.29 -10.89 18.95
C VAL B 121 -30.42 -9.88 18.73
N ASP B 122 -31.23 -9.68 19.77
CA ASP B 122 -32.20 -8.61 19.80
C ASP B 122 -31.59 -7.40 20.49
N ALA B 123 -31.78 -6.22 19.89
CA ALA B 123 -31.13 -5.02 20.40
C ALA B 123 -31.92 -3.80 19.96
N PHE B 124 -31.53 -2.65 20.48
CA PHE B 124 -32.13 -1.37 20.11
C PHE B 124 -31.13 -0.49 19.35
N CYS B 125 -31.66 0.28 18.42
CA CYS B 125 -30.93 1.35 17.76
C CYS B 125 -31.64 2.63 18.18
N GLY B 126 -31.00 3.43 19.03
CA GLY B 126 -31.64 4.59 19.61
C GLY B 126 -31.78 4.48 21.11
N ALA B 127 -31.24 5.44 21.85
CA ALA B 127 -31.31 5.38 23.31
C ALA B 127 -32.69 5.68 23.87
N ASN B 128 -33.63 6.25 23.06
CA ASN B 128 -34.94 6.66 23.56
C ASN B 128 -36.03 5.69 23.13
N PRO B 129 -36.84 5.17 24.06
CA PRO B 129 -37.94 4.28 23.64
C PRO B 129 -38.88 4.85 22.60
N ASP B 130 -39.17 6.15 22.64
CA ASP B 130 -40.17 6.72 21.74
C ASP B 130 -39.75 6.66 20.28
N THR B 131 -38.45 6.64 19.99
CA THR B 131 -37.97 6.71 18.61
C THR B 131 -37.02 5.60 18.23
N ARG B 132 -36.69 4.68 19.14
CA ARG B 132 -35.71 3.66 18.83
C ARG B 132 -36.31 2.60 17.92
N LEU B 133 -35.43 1.96 17.15
CA LEU B 133 -35.79 0.77 16.40
C LEU B 133 -35.41 -0.45 17.21
N SER B 134 -36.31 -1.41 17.28
CA SER B 134 -35.99 -2.74 17.77
C SER B 134 -35.46 -3.54 16.58
N VAL B 135 -34.26 -4.10 16.72
CA VAL B 135 -33.61 -4.81 15.62
C VAL B 135 -33.28 -6.22 16.07
N ARG B 136 -33.58 -7.19 15.21
CA ARG B 136 -33.22 -8.59 15.40
C ARG B 136 -32.16 -8.95 14.37
N PHE B 137 -30.99 -9.35 14.86
CA PHE B 137 -29.87 -9.75 14.02
C PHE B 137 -29.75 -11.26 14.04
N ILE B 138 -29.52 -11.85 12.86
CA ILE B 138 -29.38 -13.29 12.70
C ILE B 138 -28.07 -13.57 11.99
N THR B 139 -27.24 -14.43 12.58
CA THR B 139 -25.95 -14.78 12.00
C THR B 139 -25.70 -16.27 12.21
N GLU B 140 -24.75 -16.82 11.47
CA GLU B 140 -24.26 -18.17 11.74
C GLU B 140 -22.84 -18.14 12.31
N VAL B 141 -22.33 -16.97 12.67
CA VAL B 141 -20.97 -16.79 13.14
C VAL B 141 -21.02 -16.05 14.47
N ALA B 142 -20.40 -16.61 15.50
CA ALA B 142 -20.48 -16.02 16.82
C ALA B 142 -19.92 -14.60 16.85
N TRP B 143 -18.79 -14.36 16.19
CA TRP B 143 -18.19 -13.04 16.29
C TRP B 143 -19.06 -11.96 15.67
N GLN B 144 -19.88 -12.32 14.67
CA GLN B 144 -20.79 -11.34 14.10
C GLN B 144 -21.88 -10.99 15.10
N ALA B 145 -22.36 -11.98 15.87
CA ALA B 145 -23.29 -11.69 16.95
C ALA B 145 -22.64 -10.80 18.00
N HIS B 146 -21.37 -11.05 18.30
CA HIS B 146 -20.63 -10.22 19.24
C HIS B 146 -20.55 -8.79 18.74
N PHE B 147 -20.27 -8.61 17.45
CA PHE B 147 -20.20 -7.26 16.90
C PHE B 147 -21.48 -6.48 17.19
N VAL B 148 -22.63 -7.09 16.90
CA VAL B 148 -23.89 -6.35 17.09
C VAL B 148 -24.25 -6.24 18.57
N LYS B 149 -23.81 -7.19 19.40
CA LYS B 149 -23.97 -7.01 20.85
C LYS B 149 -23.20 -5.78 21.32
N ASN B 150 -21.98 -5.57 20.78
CA ASN B 150 -21.21 -4.40 21.14
C ASN B 150 -21.88 -3.12 20.64
N MET B 151 -22.34 -3.11 19.38
CA MET B 151 -22.61 -1.86 18.71
C MET B 151 -24.02 -1.36 18.87
N PHE B 152 -24.97 -2.22 19.22
CA PHE B 152 -26.33 -1.79 19.47
C PHE B 152 -26.61 -1.82 20.96
N ILE B 153 -27.74 -1.28 21.34
CA ILE B 153 -28.08 -1.16 22.76
C ILE B 153 -28.63 -2.49 23.25
N ARG B 154 -28.06 -2.97 24.35
CA ARG B 154 -28.30 -4.32 24.85
C ARG B 154 -29.53 -4.31 25.77
N PRO B 155 -30.63 -4.96 25.40
CA PRO B 155 -31.85 -4.84 26.21
C PRO B 155 -31.74 -5.59 27.53
N SER B 156 -32.49 -5.10 28.51
CA SER B 156 -32.67 -5.81 29.75
C SER B 156 -33.58 -7.03 29.53
N ASP B 157 -33.61 -7.91 30.52
CA ASP B 157 -34.50 -9.07 30.44
C ASP B 157 -35.95 -8.63 30.31
N GLU B 158 -36.34 -7.58 31.03
CA GLU B 158 -37.70 -7.07 30.94
C GLU B 158 -38.00 -6.58 29.52
N GLU B 159 -37.04 -5.93 28.89
CA GLU B 159 -37.24 -5.43 27.53
C GLU B 159 -37.28 -6.57 26.51
N LEU B 160 -36.57 -7.67 26.78
CA LEU B 160 -36.66 -8.82 25.88
C LEU B 160 -38.02 -9.50 25.98
N ALA B 161 -38.65 -9.44 27.14
CA ALA B 161 -40.05 -9.86 27.25
C ALA B 161 -40.91 -8.90 26.41
N GLY B 162 -41.60 -9.45 25.42
CA GLY B 162 -42.38 -8.61 24.54
C GLY B 162 -41.56 -7.85 23.52
N PHE B 163 -40.31 -8.25 23.28
CA PHE B 163 -39.55 -7.67 22.20
C PHE B 163 -40.27 -7.94 20.88
N LYS B 164 -40.39 -6.90 20.05
CA LYS B 164 -40.96 -7.04 18.72
C LYS B 164 -40.02 -6.35 17.75
N PRO B 165 -39.34 -7.08 16.87
CA PRO B 165 -38.45 -6.43 15.91
C PRO B 165 -39.20 -5.47 15.00
N ASP B 166 -38.62 -4.29 14.81
CA ASP B 166 -39.01 -3.40 13.73
C ASP B 166 -38.27 -3.71 12.44
N PHE B 167 -37.04 -4.19 12.56
CA PHE B 167 -36.24 -4.58 11.41
C PHE B 167 -35.53 -5.90 11.72
N ILE B 168 -35.34 -6.70 10.68
CA ILE B 168 -34.51 -7.91 10.76
C ILE B 168 -33.26 -7.65 9.94
N VAL B 169 -32.11 -7.99 10.50
CA VAL B 169 -30.84 -7.93 9.79
C VAL B 169 -30.31 -9.36 9.70
N MET B 170 -30.19 -9.88 8.48
CA MET B 170 -29.72 -11.24 8.26
C MET B 170 -28.33 -11.17 7.66
N ASN B 171 -27.36 -11.67 8.40
CA ASN B 171 -25.98 -11.70 7.92
C ASN B 171 -25.74 -13.03 7.23
N GLY B 172 -25.69 -13.00 5.90
CA GLY B 172 -25.34 -14.16 5.10
C GLY B 172 -24.03 -13.96 4.37
N ALA B 173 -23.01 -13.50 5.09
CA ALA B 173 -21.71 -13.24 4.48
C ALA B 173 -21.18 -14.46 3.74
N LYS B 174 -21.51 -15.68 4.20
CA LYS B 174 -20.97 -16.89 3.59
C LYS B 174 -21.60 -17.21 2.23
N CYS B 175 -22.67 -16.53 1.84
CA CYS B 175 -23.25 -16.74 0.52
C CYS B 175 -22.97 -15.55 -0.37
N THR B 176 -23.09 -15.80 -1.68
CA THR B 176 -22.96 -14.76 -2.70
C THR B 176 -24.07 -14.96 -3.72
N ASN B 177 -24.18 -14.01 -4.65
CA ASN B 177 -25.24 -14.02 -5.66
C ASN B 177 -24.64 -14.33 -7.02
N PRO B 178 -24.70 -15.57 -7.50
CA PRO B 178 -24.08 -15.90 -8.79
C PRO B 178 -24.74 -15.22 -9.97
N GLN B 179 -25.97 -14.72 -9.82
CA GLN B 179 -26.73 -14.13 -10.91
C GLN B 179 -26.51 -12.62 -11.02
N TRP B 180 -25.52 -12.07 -10.33
CA TRP B 180 -25.42 -10.63 -10.17
C TRP B 180 -25.28 -9.90 -11.50
N LYS B 181 -24.55 -10.48 -12.45
CA LYS B 181 -24.24 -9.75 -13.68
C LYS B 181 -25.50 -9.52 -14.50
N GLU B 182 -26.29 -10.56 -14.72
CA GLU B 182 -27.50 -10.42 -15.52
C GLU B 182 -28.59 -9.66 -14.78
N GLN B 183 -28.48 -9.54 -13.45
CA GLN B 183 -29.40 -8.73 -12.67
C GLN B 183 -28.97 -7.27 -12.61
N GLY B 184 -27.87 -6.91 -13.28
CA GLY B 184 -27.45 -5.52 -13.33
C GLY B 184 -26.84 -4.99 -12.05
N LEU B 185 -26.34 -5.88 -11.20
CA LEU B 185 -25.75 -5.47 -9.94
C LEU B 185 -24.24 -5.28 -10.11
N ASN B 186 -23.61 -4.77 -9.05
CA ASN B 186 -22.21 -4.40 -9.10
C ASN B 186 -21.27 -5.59 -8.91
N SER B 187 -21.66 -6.57 -8.11
CA SER B 187 -20.80 -7.72 -7.82
C SER B 187 -21.68 -8.82 -7.24
N GLU B 188 -21.04 -9.96 -6.92
CA GLU B 188 -21.74 -11.06 -6.30
C GLU B 188 -22.07 -10.79 -4.83
N ASN B 189 -21.57 -9.69 -4.27
CA ASN B 189 -21.87 -9.29 -2.90
C ASN B 189 -23.08 -8.36 -2.90
N PHE B 190 -23.65 -8.14 -1.72
CA PHE B 190 -24.80 -7.26 -1.64
C PHE B 190 -25.07 -6.82 -0.21
N VAL B 191 -25.49 -5.58 -0.05
CA VAL B 191 -26.04 -5.08 1.19
C VAL B 191 -27.35 -4.43 0.79
N ALA B 192 -28.46 -5.12 1.06
CA ALA B 192 -29.75 -4.75 0.47
C ALA B 192 -30.77 -4.47 1.56
N PHE B 193 -31.63 -3.50 1.29
CA PHE B 193 -32.62 -3.03 2.25
C PHE B 193 -33.99 -3.03 1.62
N ASN B 194 -34.99 -3.44 2.39
CA ASN B 194 -36.38 -3.41 1.96
C ASN B 194 -37.16 -2.78 3.11
N LEU B 195 -37.71 -1.59 2.88
CA LEU B 195 -38.41 -0.86 3.93
C LEU B 195 -39.87 -1.26 4.06
N THR B 196 -40.38 -2.07 3.13
CA THR B 196 -41.72 -2.62 3.28
C THR B 196 -41.68 -3.90 4.12
N GLU B 197 -40.75 -4.80 3.82
CA GLU B 197 -40.56 -5.98 4.65
C GLU B 197 -39.74 -5.68 5.90
N ARG B 198 -39.08 -4.53 5.93
CA ARG B 198 -38.25 -4.09 7.06
C ARG B 198 -37.12 -5.07 7.35
N MET B 199 -36.27 -5.25 6.35
CA MET B 199 -35.16 -6.18 6.47
C MET B 199 -33.93 -5.63 5.76
N GLN B 200 -32.78 -6.01 6.31
CA GLN B 200 -31.49 -5.81 5.68
C GLN B 200 -30.85 -7.18 5.44
N LEU B 201 -30.29 -7.35 4.25
CA LEU B 201 -29.54 -8.54 3.91
C LEU B 201 -28.09 -8.18 3.68
N ILE B 202 -27.19 -9.01 4.19
CA ILE B 202 -25.76 -8.90 3.90
C ILE B 202 -25.34 -10.20 3.23
N GLY B 203 -24.81 -10.09 2.02
CA GLY B 203 -24.26 -11.24 1.31
C GLY B 203 -22.83 -10.96 0.89
N GLY B 204 -21.96 -11.95 1.09
CA GLY B 204 -20.60 -11.87 0.59
C GLY B 204 -19.61 -11.11 1.43
N THR B 205 -19.96 -9.90 1.85
CA THR B 205 -19.00 -9.07 2.60
C THR B 205 -19.03 -9.36 4.09
N TRP B 206 -17.84 -9.52 4.66
CA TRP B 206 -17.66 -9.81 6.07
C TRP B 206 -17.30 -8.58 6.89
N TYR B 207 -17.24 -7.40 6.28
CA TYR B 207 -16.86 -6.22 7.05
C TYR B 207 -17.88 -5.93 8.13
N GLY B 208 -17.41 -5.79 9.37
CA GLY B 208 -18.35 -5.67 10.48
C GLY B 208 -19.24 -4.46 10.38
N GLY B 209 -18.70 -3.34 9.88
CA GLY B 209 -19.48 -2.11 9.82
C GLY B 209 -20.74 -2.19 8.99
N GLU B 210 -20.83 -3.15 8.06
CA GLU B 210 -22.08 -3.28 7.31
C GLU B 210 -23.24 -3.59 8.24
N MET B 211 -22.97 -4.21 9.39
CA MET B 211 -24.02 -4.59 10.33
C MET B 211 -24.50 -3.42 11.18
N LYS B 212 -23.78 -2.30 11.22
CA LYS B 212 -24.25 -1.13 11.94
C LYS B 212 -24.69 0.01 11.05
N LYS B 213 -24.03 0.24 9.91
CA LYS B 213 -24.37 1.39 9.10
C LYS B 213 -25.68 1.21 8.34
N GLY B 214 -26.15 -0.03 8.17
CA GLY B 214 -27.46 -0.21 7.58
C GLY B 214 -28.57 0.37 8.45
N MET B 215 -28.55 0.06 9.74
CA MET B 215 -29.56 0.62 10.63
C MET B 215 -29.39 2.13 10.77
N PHE B 216 -28.15 2.63 10.69
CA PHE B 216 -27.96 4.07 10.66
C PHE B 216 -28.70 4.69 9.48
N SER B 217 -28.57 4.08 8.30
CA SER B 217 -29.28 4.57 7.13
C SER B 217 -30.80 4.52 7.33
N MET B 218 -31.30 3.51 8.04
CA MET B 218 -32.73 3.45 8.30
C MET B 218 -33.17 4.54 9.28
N MET B 219 -32.37 4.79 10.33
CA MET B 219 -32.67 5.92 11.21
C MET B 219 -32.62 7.23 10.44
N ASN B 220 -31.67 7.35 9.50
CA ASN B 220 -31.55 8.56 8.69
C ASN B 220 -32.75 8.75 7.78
N TYR B 221 -33.52 7.68 7.52
CA TYR B 221 -34.76 7.81 6.77
C TYR B 221 -35.91 8.21 7.69
N LEU B 222 -36.07 7.51 8.82
CA LEU B 222 -37.27 7.64 9.65
C LEU B 222 -37.24 8.91 10.50
N LEU B 223 -36.08 9.26 11.07
CA LEU B 223 -36.08 10.33 12.07
C LEU B 223 -36.34 11.70 11.47
N PRO B 224 -35.68 12.12 10.40
CA PRO B 224 -35.94 13.47 9.90
C PRO B 224 -37.36 13.65 9.41
N LEU B 225 -38.00 12.58 8.96
CA LEU B 225 -39.39 12.69 8.52
C LEU B 225 -40.32 13.05 9.66
N LYS B 226 -39.90 12.85 10.91
CA LYS B 226 -40.69 13.26 12.06
C LYS B 226 -39.97 14.33 12.88
N GLY B 227 -39.11 15.11 12.25
CA GLY B 227 -38.55 16.30 12.84
C GLY B 227 -37.40 16.06 13.80
N ILE B 228 -36.77 14.90 13.74
CA ILE B 228 -35.67 14.56 14.63
C ILE B 228 -34.41 14.49 13.78
N ALA B 229 -33.37 15.21 14.22
CA ALA B 229 -32.13 15.17 13.46
C ALA B 229 -31.48 13.81 13.63
N SER B 230 -30.83 13.36 12.56
CA SER B 230 -30.14 12.09 12.55
C SER B 230 -28.76 12.37 11.97
N MET B 231 -27.72 12.15 12.78
CA MET B 231 -26.46 12.88 12.60
C MET B 231 -25.27 11.93 12.62
N HIS B 232 -24.36 12.12 11.66
CA HIS B 232 -23.11 11.36 11.61
C HIS B 232 -22.06 12.15 12.39
N CYS B 233 -22.05 11.94 13.70
CA CYS B 233 -21.25 12.76 14.58
C CYS B 233 -20.93 11.98 15.85
N SER B 234 -19.86 12.39 16.50
CA SER B 234 -19.66 12.02 17.89
C SER B 234 -20.25 13.11 18.77
N ALA B 235 -20.32 12.84 20.08
CA ALA B 235 -20.95 13.78 20.97
C ALA B 235 -20.40 13.59 22.38
N ASN B 236 -20.26 14.71 23.10
CA ASN B 236 -19.86 14.64 24.50
C ASN B 236 -20.45 15.84 25.25
N VAL B 237 -20.29 15.83 26.57
CA VAL B 237 -20.96 16.79 27.43
C VAL B 237 -20.04 17.20 28.57
N GLY B 238 -20.04 18.51 28.88
CA GLY B 238 -19.22 19.03 29.95
C GLY B 238 -19.97 19.09 31.27
N GLU B 239 -19.25 19.57 32.29
CA GLU B 239 -19.79 19.60 33.65
C GLU B 239 -21.05 20.45 33.72
N LYS B 240 -21.14 21.52 32.94
CA LYS B 240 -22.30 22.40 32.97
C LYS B 240 -23.49 21.83 32.19
N GLY B 241 -23.37 20.62 31.65
CA GLY B 241 -24.43 20.06 30.83
C GLY B 241 -24.38 20.51 29.39
N ASP B 242 -23.35 21.25 29.00
CA ASP B 242 -23.22 21.75 27.64
C ASP B 242 -22.76 20.61 26.73
N VAL B 243 -23.53 20.37 25.67
CA VAL B 243 -23.28 19.26 24.75
C VAL B 243 -22.62 19.80 23.50
N ALA B 244 -21.69 19.03 22.95
CA ALA B 244 -21.05 19.33 21.68
C ALA B 244 -21.19 18.11 20.78
N VAL B 245 -21.37 18.37 19.48
CA VAL B 245 -21.37 17.32 18.47
C VAL B 245 -20.28 17.62 17.46
N PHE B 246 -19.63 16.55 16.98
CA PHE B 246 -18.49 16.63 16.06
C PHE B 246 -18.85 15.83 14.82
N PHE B 247 -19.20 16.51 13.74
CA PHE B 247 -19.53 15.85 12.48
C PHE B 247 -18.27 15.52 11.70
N GLY B 248 -18.24 14.34 11.09
CA GLY B 248 -17.13 14.01 10.22
C GLY B 248 -17.15 12.56 9.78
N LEU B 249 -16.37 12.27 8.73
CA LEU B 249 -16.14 10.90 8.31
C LEU B 249 -15.13 10.24 9.24
N SER B 250 -15.18 8.92 9.28
N SER B 250 -15.18 8.92 9.26
CA SER B 250 -14.27 8.19 10.16
CA SER B 250 -14.27 8.17 10.13
C SER B 250 -12.84 8.45 9.73
C SER B 250 -12.83 8.45 9.72
N GLY B 251 -11.96 8.59 10.72
CA GLY B 251 -10.57 8.89 10.49
C GLY B 251 -10.25 10.37 10.47
N THR B 252 -11.25 11.24 10.54
CA THR B 252 -11.02 12.68 10.44
C THR B 252 -11.11 13.39 11.80
N GLY B 253 -11.22 12.64 12.89
CA GLY B 253 -11.03 13.19 14.22
C GLY B 253 -12.22 13.05 15.16
N LYS B 254 -13.38 12.58 14.70
CA LYS B 254 -14.53 12.66 15.59
C LYS B 254 -14.42 11.69 16.77
N THR B 255 -13.79 10.53 16.59
CA THR B 255 -13.62 9.61 17.71
C THR B 255 -12.59 10.15 18.69
N THR B 256 -11.42 10.54 18.19
CA THR B 256 -10.35 10.97 19.08
C THR B 256 -10.69 12.28 19.78
N LEU B 257 -11.35 13.20 19.08
CA LEU B 257 -11.65 14.49 19.71
C LEU B 257 -12.78 14.38 20.72
N SER B 258 -13.68 13.40 20.56
CA SER B 258 -14.78 13.24 21.51
C SER B 258 -14.41 12.53 22.80
N THR B 259 -13.33 11.73 22.83
CA THR B 259 -12.93 11.01 24.02
C THR B 259 -12.10 11.85 24.99
N ASP B 260 -12.10 13.16 24.80
CA ASP B 260 -11.62 14.19 25.72
C ASP B 260 -11.77 13.76 27.18
N PRO B 261 -10.67 13.57 27.92
CA PRO B 261 -10.80 13.25 29.34
C PRO B 261 -11.47 14.35 30.16
N LYS B 262 -11.67 15.53 29.59
CA LYS B 262 -12.36 16.65 30.26
C LYS B 262 -13.86 16.71 29.98
N ARG B 263 -14.43 15.71 29.29
CA ARG B 263 -15.83 15.70 28.92
C ARG B 263 -16.30 14.26 28.97
N ARG B 264 -17.58 14.06 29.34
CA ARG B 264 -18.13 12.70 29.32
C ARG B 264 -18.62 12.36 27.92
N LEU B 265 -18.28 11.16 27.46
CA LEU B 265 -18.64 10.72 26.12
C LEU B 265 -20.11 10.30 26.06
N ILE B 266 -20.83 10.84 25.08
CA ILE B 266 -22.16 10.34 24.74
C ILE B 266 -22.08 9.23 23.72
N GLY B 267 -21.29 9.43 22.68
CA GLY B 267 -21.14 8.43 21.64
C GLY B 267 -20.17 8.92 20.60
N ASP B 268 -19.80 8.02 19.69
CA ASP B 268 -18.74 8.35 18.77
C ASP B 268 -19.14 8.43 17.30
N ASP B 269 -20.39 8.10 16.90
CA ASP B 269 -20.64 7.99 15.46
C ASP B 269 -22.05 8.33 14.97
N GLU B 270 -23.09 8.06 15.77
CA GLU B 270 -24.47 8.13 15.28
C GLU B 270 -25.34 8.70 16.39
N HIS B 271 -25.92 9.88 16.16
CA HIS B 271 -26.75 10.51 17.18
C HIS B 271 -28.02 11.11 16.60
N GLY B 272 -29.05 11.16 17.44
CA GLY B 272 -30.25 11.89 17.11
C GLY B 272 -30.36 13.14 17.95
N TRP B 273 -31.22 14.06 17.53
CA TRP B 273 -31.45 15.29 18.28
C TRP B 273 -32.94 15.58 18.24
N ASP B 274 -33.61 15.34 19.36
CA ASP B 274 -35.05 15.52 19.48
C ASP B 274 -35.37 16.67 20.43
N ASP B 275 -36.64 16.75 20.86
CA ASP B 275 -37.07 17.85 21.72
C ASP B 275 -36.31 17.88 23.05
N ASP B 276 -35.74 16.75 23.47
CA ASP B 276 -35.10 16.68 24.78
C ASP B 276 -33.59 16.80 24.71
N GLY B 277 -32.97 16.49 23.57
CA GLY B 277 -31.54 16.66 23.44
C GLY B 277 -30.95 15.64 22.50
N VAL B 278 -29.66 15.40 22.70
CA VAL B 278 -28.84 14.58 21.81
C VAL B 278 -28.72 13.18 22.40
N PHE B 279 -28.95 12.17 21.57
CA PHE B 279 -28.95 10.79 22.05
C PHE B 279 -28.20 9.87 21.09
N ASN B 280 -27.41 8.96 21.67
CA ASN B 280 -26.65 7.99 20.89
C ASN B 280 -27.60 6.94 20.35
N PHE B 281 -27.38 6.52 19.10
CA PHE B 281 -28.09 5.36 18.58
C PHE B 281 -27.47 4.05 19.03
N GLU B 282 -26.19 4.07 19.41
CA GLU B 282 -25.39 2.86 19.54
C GLU B 282 -25.15 2.50 21.00
N GLY B 283 -24.74 1.24 21.19
CA GLY B 283 -24.33 0.71 22.47
C GLY B 283 -22.83 0.56 22.62
N GLY B 284 -22.05 1.04 21.67
CA GLY B 284 -20.63 0.83 21.66
C GLY B 284 -19.98 1.69 20.61
N CYS B 285 -18.69 1.46 20.41
CA CYS B 285 -17.89 2.25 19.49
C CYS B 285 -17.07 1.33 18.60
N TYR B 286 -17.01 1.67 17.31
CA TYR B 286 -16.26 0.91 16.30
C TYR B 286 -15.11 1.82 15.86
N ALA B 287 -14.03 1.80 16.63
CA ALA B 287 -12.97 2.77 16.52
C ALA B 287 -11.87 2.30 15.57
N LYS B 288 -11.33 3.24 14.79
CA LYS B 288 -10.16 2.95 13.99
C LYS B 288 -8.94 2.80 14.89
N THR B 289 -8.11 1.80 14.59
CA THR B 289 -6.95 1.50 15.42
C THR B 289 -5.61 1.68 14.73
N ILE B 290 -5.57 2.15 13.48
CA ILE B 290 -4.27 2.26 12.83
C ILE B 290 -3.41 3.28 13.56
N LYS B 291 -2.18 2.88 13.90
CA LYS B 291 -1.22 3.69 14.65
C LYS B 291 -1.68 4.01 16.06
N LEU B 292 -2.65 3.26 16.59
CA LEU B 292 -3.11 3.50 17.96
C LEU B 292 -1.97 3.34 18.95
N SER B 293 -1.91 4.23 19.93
CA SER B 293 -0.96 4.06 21.02
C SER B 293 -1.64 4.41 22.34
N LYS B 294 -1.20 3.72 23.40
CA LYS B 294 -1.72 3.99 24.73
C LYS B 294 -1.42 5.41 25.17
N GLU B 295 -0.26 5.94 24.77
CA GLU B 295 0.12 7.28 25.17
C GLU B 295 -0.77 8.33 24.54
N ALA B 296 -1.14 8.16 23.27
CA ALA B 296 -1.87 9.19 22.54
C ALA B 296 -3.37 9.09 22.74
N GLU B 297 -3.91 7.88 22.81
CA GLU B 297 -5.36 7.65 22.90
C GLU B 297 -5.63 6.64 24.01
N PRO B 298 -5.40 7.03 25.27
CA PRO B 298 -5.50 6.04 26.36
C PRO B 298 -6.89 5.46 26.57
N GLU B 299 -7.94 6.26 26.43
CA GLU B 299 -9.28 5.72 26.65
C GLU B 299 -9.60 4.64 25.62
N ILE B 300 -9.30 4.91 24.35
CA ILE B 300 -9.57 3.93 23.30
C ILE B 300 -8.69 2.70 23.50
N TYR B 301 -7.39 2.90 23.74
CA TYR B 301 -6.50 1.77 23.93
C TYR B 301 -6.94 0.91 25.10
N ASN B 302 -7.30 1.55 26.22
CA ASN B 302 -7.67 0.79 27.40
C ASN B 302 -9.03 0.12 27.26
N ALA B 303 -9.81 0.49 26.25
CA ALA B 303 -11.04 -0.23 25.96
C ALA B 303 -10.79 -1.57 25.29
N ILE B 304 -9.56 -1.81 24.84
CA ILE B 304 -9.24 -3.03 24.12
C ILE B 304 -8.83 -4.08 25.16
N ARG B 305 -9.81 -4.89 25.53
CA ARG B 305 -9.67 -5.91 26.55
C ARG B 305 -10.79 -6.90 26.29
N ARG B 306 -10.88 -7.92 27.13
CA ARG B 306 -11.87 -8.96 26.88
C ARG B 306 -13.26 -8.34 26.71
N ASP B 307 -13.95 -8.78 25.66
CA ASP B 307 -15.28 -8.33 25.22
C ASP B 307 -15.19 -7.26 24.12
N ALA B 308 -14.02 -6.67 23.93
CA ALA B 308 -13.77 -5.94 22.69
C ALA B 308 -13.57 -6.96 21.57
N LEU B 309 -13.71 -6.50 20.34
CA LEU B 309 -13.51 -7.38 19.17
C LEU B 309 -12.65 -6.64 18.16
N LEU B 310 -11.41 -7.12 17.99
CA LEU B 310 -10.48 -6.53 17.05
C LEU B 310 -10.75 -7.08 15.65
N GLU B 311 -10.62 -6.22 14.65
CA GLU B 311 -10.96 -6.57 13.28
C GLU B 311 -9.81 -6.14 12.37
N ASN B 312 -9.14 -7.12 11.76
CA ASN B 312 -8.10 -6.93 10.76
C ASN B 312 -6.81 -6.35 11.30
N VAL B 313 -6.66 -6.21 12.62
CA VAL B 313 -5.38 -5.81 13.17
C VAL B 313 -4.40 -6.97 13.03
N THR B 314 -3.13 -6.62 12.90
CA THR B 314 -2.08 -7.64 12.85
C THR B 314 -1.81 -8.16 14.24
N VAL B 315 -1.97 -9.46 14.42
CA VAL B 315 -1.64 -10.14 15.66
C VAL B 315 -0.44 -11.01 15.38
N ARG B 316 0.63 -10.78 16.13
CA ARG B 316 1.87 -11.52 15.95
C ARG B 316 1.71 -12.94 16.47
N GLU B 317 2.70 -13.78 16.15
CA GLU B 317 2.65 -15.18 16.57
C GLU B 317 2.60 -15.31 18.09
N ASP B 318 3.17 -14.35 18.82
CA ASP B 318 3.17 -14.40 20.28
C ASP B 318 1.91 -13.77 20.88
N GLY B 319 0.97 -13.33 20.06
CA GLY B 319 -0.29 -12.79 20.55
C GLY B 319 -0.29 -11.29 20.78
N THR B 320 0.84 -10.63 20.64
CA THR B 320 0.87 -9.18 20.73
C THR B 320 0.32 -8.58 19.44
N ILE B 321 -0.09 -7.33 19.53
CA ILE B 321 -0.77 -6.63 18.44
C ILE B 321 0.17 -5.57 17.88
N ASP B 322 0.30 -5.55 16.56
CA ASP B 322 1.05 -4.49 15.87
C ASP B 322 0.02 -3.51 15.32
N PHE B 323 -0.30 -2.48 16.12
CA PHE B 323 -1.30 -1.51 15.72
C PHE B 323 -0.81 -0.63 14.58
N ASP B 324 0.49 -0.60 14.32
CA ASP B 324 1.01 0.26 13.27
C ASP B 324 0.92 -0.36 11.88
N ASP B 325 0.62 -1.65 11.79
CA ASP B 325 0.69 -2.37 10.51
C ASP B 325 -0.58 -2.14 9.70
N GLY B 326 -0.44 -1.43 8.59
CA GLY B 326 -1.54 -1.23 7.67
C GLY B 326 -1.39 -1.99 6.37
N SER B 327 -0.50 -2.99 6.34
CA SER B 327 -0.20 -3.69 5.10
C SER B 327 -1.37 -4.52 4.59
N LYS B 328 -2.30 -4.92 5.47
CA LYS B 328 -3.57 -5.47 4.99
C LYS B 328 -4.57 -4.36 4.71
N THR B 329 -4.79 -3.48 5.69
CA THR B 329 -5.62 -2.31 5.49
C THR B 329 -5.21 -1.25 6.52
N GLU B 330 -5.35 0.01 6.13
CA GLU B 330 -5.26 1.09 7.10
C GLU B 330 -6.52 1.22 7.93
N ASN B 331 -7.61 0.58 7.51
CA ASN B 331 -8.89 0.67 8.20
C ASN B 331 -9.08 -0.45 9.21
N THR B 332 -8.03 -0.78 9.97
CA THR B 332 -8.18 -1.68 11.10
C THR B 332 -9.12 -1.07 12.13
N ARG B 333 -9.84 -1.94 12.85
CA ARG B 333 -10.91 -1.50 13.72
C ARG B 333 -10.93 -2.32 15.00
N VAL B 334 -11.58 -1.76 16.02
CA VAL B 334 -11.98 -2.52 17.19
C VAL B 334 -13.40 -2.06 17.54
N SER B 335 -14.23 -3.00 17.96
CA SER B 335 -15.50 -2.63 18.56
C SER B 335 -15.48 -2.99 20.04
N TYR B 336 -16.19 -2.19 20.83
CA TYR B 336 -16.33 -2.46 22.24
C TYR B 336 -17.63 -1.85 22.74
N PRO B 337 -18.26 -2.45 23.74
CA PRO B 337 -19.41 -1.79 24.35
C PRO B 337 -18.95 -0.50 25.01
N ILE B 338 -19.86 0.47 25.07
CA ILE B 338 -19.43 1.82 25.39
C ILE B 338 -18.87 1.92 26.80
N TYR B 339 -19.30 1.04 27.71
CA TYR B 339 -18.82 1.09 29.09
C TYR B 339 -17.37 0.62 29.23
N HIS B 340 -16.74 0.16 28.15
CA HIS B 340 -15.30 -0.04 28.20
C HIS B 340 -14.52 1.27 28.32
N ILE B 341 -15.19 2.40 28.16
CA ILE B 341 -14.66 3.71 28.51
C ILE B 341 -15.36 4.14 29.78
N ASP B 342 -14.59 4.37 30.86
CA ASP B 342 -15.22 4.75 32.11
C ASP B 342 -15.83 6.14 32.02
N ASN B 343 -15.20 7.04 31.28
CA ASN B 343 -15.58 8.46 31.25
C ASN B 343 -16.71 8.66 30.22
N ILE B 344 -17.87 8.10 30.54
CA ILE B 344 -19.05 8.16 29.70
C ILE B 344 -20.25 8.63 30.52
N VAL B 345 -21.25 9.15 29.80
CA VAL B 345 -22.56 9.36 30.39
C VAL B 345 -23.19 8.00 30.68
N LYS B 346 -23.72 7.83 31.89
CA LYS B 346 -24.37 6.64 32.36
C LYS B 346 -25.66 7.02 33.06
N PRO B 347 -26.66 6.14 33.10
CA PRO B 347 -26.72 4.78 32.55
C PRO B 347 -27.25 4.73 31.11
N VAL B 348 -27.64 5.88 30.55
CA VAL B 348 -28.15 5.98 29.20
C VAL B 348 -27.33 7.00 28.46
N SER B 349 -26.97 6.68 27.21
CA SER B 349 -26.07 7.53 26.41
C SER B 349 -26.88 8.65 25.75
N LYS B 350 -27.20 9.67 26.54
CA LYS B 350 -27.91 10.82 26.03
C LYS B 350 -27.69 11.99 26.96
N ALA B 351 -27.92 13.19 26.44
CA ALA B 351 -27.81 14.40 27.23
C ALA B 351 -28.70 15.47 26.61
N GLY B 352 -28.48 16.72 27.00
CA GLY B 352 -29.31 17.82 26.55
C GLY B 352 -28.96 18.29 25.16
N HIS B 353 -29.38 19.53 24.88
CA HIS B 353 -29.23 20.09 23.55
C HIS B 353 -27.80 20.54 23.32
N ALA B 354 -27.31 20.30 22.09
CA ALA B 354 -25.99 20.75 21.73
C ALA B 354 -25.97 22.25 21.57
N THR B 355 -24.97 22.89 22.16
CA THR B 355 -24.73 24.31 21.96
C THR B 355 -23.47 24.58 21.13
N LYS B 356 -22.66 23.56 20.88
CA LYS B 356 -21.49 23.66 20.02
C LYS B 356 -21.58 22.58 18.96
N VAL B 357 -21.48 22.99 17.70
CA VAL B 357 -21.55 22.09 16.56
C VAL B 357 -20.25 22.27 15.79
N ILE B 358 -19.48 21.19 15.67
CA ILE B 358 -18.15 21.24 15.06
C ILE B 358 -18.19 20.39 13.80
N PHE B 359 -17.84 21.01 12.67
CA PHE B 359 -17.72 20.31 11.39
C PHE B 359 -16.24 20.04 11.17
N LEU B 360 -15.85 18.77 11.14
CA LEU B 360 -14.46 18.39 10.91
C LEU B 360 -14.24 18.20 9.41
N THR B 361 -13.28 18.93 8.86
CA THR B 361 -12.92 18.78 7.45
C THR B 361 -11.45 18.37 7.37
N ALA B 362 -11.19 17.20 6.78
CA ALA B 362 -9.81 16.77 6.54
C ALA B 362 -9.45 17.30 5.17
N ASP B 363 -9.00 18.56 5.13
CA ASP B 363 -8.77 19.27 3.88
C ASP B 363 -7.42 18.89 3.30
N ALA B 364 -7.42 18.08 2.24
CA ALA B 364 -6.20 17.66 1.59
C ALA B 364 -5.63 18.68 0.63
N PHE B 365 -6.30 19.82 0.44
CA PHE B 365 -5.73 20.93 -0.32
C PHE B 365 -4.92 21.87 0.55
N GLY B 366 -5.01 21.76 1.87
CA GLY B 366 -4.29 22.68 2.74
C GLY B 366 -4.72 24.12 2.59
N VAL B 367 -6.01 24.34 2.36
CA VAL B 367 -6.56 25.66 2.10
C VAL B 367 -7.28 26.22 3.31
N LEU B 368 -7.96 25.37 4.06
CA LEU B 368 -8.89 25.91 5.03
C LEU B 368 -8.22 26.15 6.39
N PRO B 369 -8.74 27.10 7.16
CA PRO B 369 -8.12 27.42 8.44
C PRO B 369 -8.27 26.27 9.42
N PRO B 370 -7.33 26.11 10.36
CA PRO B 370 -7.57 25.16 11.45
C PRO B 370 -8.91 25.36 12.15
N VAL B 371 -9.37 26.59 12.30
CA VAL B 371 -10.67 26.84 12.90
C VAL B 371 -11.27 28.13 12.34
N SER B 372 -12.58 28.08 12.06
CA SER B 372 -13.36 29.23 11.65
C SER B 372 -14.69 29.19 12.38
N ARG B 373 -15.17 30.36 12.82
CA ARG B 373 -16.48 30.49 13.44
C ARG B 373 -17.49 30.86 12.35
N LEU B 374 -18.49 30.01 12.13
CA LEU B 374 -19.37 30.13 10.98
C LEU B 374 -20.57 31.02 11.26
N THR B 375 -20.99 31.77 10.25
CA THR B 375 -22.28 32.44 10.29
C THR B 375 -23.39 31.40 10.13
N ALA B 376 -24.62 31.83 10.36
CA ALA B 376 -25.77 30.94 10.21
C ALA B 376 -25.86 30.38 8.78
N ASP B 377 -25.71 31.24 7.78
CA ASP B 377 -25.78 30.75 6.40
C ASP B 377 -24.58 29.88 6.04
N GLN B 378 -23.39 30.23 6.55
CA GLN B 378 -22.23 29.38 6.31
C GLN B 378 -22.39 28.02 6.97
N THR B 379 -23.08 27.94 8.09
CA THR B 379 -23.34 26.65 8.72
C THR B 379 -24.11 25.75 7.78
N GLN B 380 -25.17 26.27 7.16
CA GLN B 380 -25.94 25.48 6.20
C GLN B 380 -25.09 25.16 4.97
N TYR B 381 -24.38 26.16 4.45
CA TYR B 381 -23.59 25.95 3.25
C TYR B 381 -22.58 24.82 3.45
N HIS B 382 -21.84 24.88 4.57
CA HIS B 382 -20.77 23.92 4.76
C HIS B 382 -21.28 22.57 5.23
N PHE B 383 -22.45 22.54 5.88
CA PHE B 383 -23.05 21.25 6.22
C PHE B 383 -23.50 20.52 4.96
N LEU B 384 -24.16 21.24 4.05
CA LEU B 384 -24.59 20.62 2.81
C LEU B 384 -23.39 20.23 1.93
N SER B 385 -22.34 21.05 1.94
CA SER B 385 -21.17 20.76 1.12
C SER B 385 -20.42 19.54 1.66
N GLY B 386 -20.17 19.51 2.97
CA GLY B 386 -19.49 18.38 3.58
C GLY B 386 -18.11 18.11 3.01
N PHE B 387 -17.34 19.16 2.74
CA PHE B 387 -16.02 18.92 2.16
C PHE B 387 -15.09 18.30 3.20
N THR B 388 -14.48 17.18 2.83
CA THR B 388 -13.55 16.50 3.71
C THR B 388 -12.77 15.48 2.88
N ALA B 389 -12.30 14.38 3.49
CA ALA B 389 -11.61 13.34 2.75
C ALA B 389 -12.01 11.97 3.28
N LYS B 390 -12.08 11.01 2.36
CA LYS B 390 -12.22 9.61 2.72
C LYS B 390 -10.82 9.05 2.93
N LEU B 391 -10.61 8.38 4.05
CA LEU B 391 -9.29 7.88 4.37
C LEU B 391 -9.13 6.44 3.91
N ALA B 392 -7.87 6.03 3.84
CA ALA B 392 -7.51 4.73 3.25
C ALA B 392 -8.27 3.60 3.92
N GLY B 393 -8.85 2.73 3.09
CA GLY B 393 -9.48 1.53 3.54
C GLY B 393 -10.92 1.68 3.95
N THR B 394 -11.41 2.90 4.18
CA THR B 394 -12.72 3.06 4.77
C THR B 394 -13.82 2.56 3.85
N GLU B 395 -13.62 2.69 2.54
CA GLU B 395 -14.44 2.04 1.54
C GLU B 395 -13.51 1.23 0.64
N ARG B 396 -14.00 0.09 0.18
CA ARG B 396 -13.19 -0.77 -0.67
C ARG B 396 -12.70 -0.01 -1.89
N GLY B 397 -11.40 -0.10 -2.14
CA GLY B 397 -10.80 0.56 -3.28
C GLY B 397 -10.11 1.86 -2.96
N ILE B 398 -10.37 2.44 -1.79
CA ILE B 398 -9.69 3.66 -1.37
C ILE B 398 -8.44 3.25 -0.61
N THR B 399 -7.28 3.74 -1.06
CA THR B 399 -6.02 3.45 -0.39
C THR B 399 -5.22 4.69 -0.03
N GLU B 400 -5.75 5.87 -0.25
CA GLU B 400 -5.08 7.11 0.13
C GLU B 400 -6.14 8.16 0.40
N PRO B 401 -5.77 9.25 1.07
CA PRO B 401 -6.76 10.29 1.36
C PRO B 401 -7.37 10.81 0.07
N THR B 402 -8.70 10.79 0.03
CA THR B 402 -9.43 11.09 -1.20
C THR B 402 -10.39 12.24 -0.93
N PRO B 403 -10.11 13.45 -1.40
CA PRO B 403 -11.05 14.56 -1.18
C PRO B 403 -12.44 14.21 -1.66
N THR B 404 -13.44 14.67 -0.92
CA THR B 404 -14.82 14.38 -1.26
C THR B 404 -15.72 15.48 -0.73
N PHE B 405 -16.85 15.68 -1.39
CA PHE B 405 -17.95 16.45 -0.85
C PHE B 405 -18.97 15.44 -0.35
N SER B 406 -18.98 15.22 0.96
CA SER B 406 -19.86 14.22 1.57
C SER B 406 -20.95 15.00 2.31
N ALA B 407 -22.08 15.20 1.64
CA ALA B 407 -23.15 16.02 2.21
C ALA B 407 -23.45 15.58 3.63
N CYS B 408 -23.60 16.57 4.52
CA CYS B 408 -23.95 16.35 5.90
C CYS B 408 -22.87 15.58 6.65
N PHE B 409 -21.67 15.53 6.08
CA PHE B 409 -20.56 14.75 6.61
C PHE B 409 -20.92 13.28 6.79
N GLY B 410 -21.78 12.77 5.91
CA GLY B 410 -22.14 11.37 5.93
C GLY B 410 -22.98 10.96 4.74
N ALA B 411 -22.60 11.40 3.54
CA ALA B 411 -23.42 11.17 2.36
C ALA B 411 -23.71 9.69 2.14
N ALA B 412 -22.75 8.82 2.46
CA ALA B 412 -22.89 7.39 2.21
C ALA B 412 -24.06 6.78 2.97
N PHE B 413 -24.60 7.48 3.96
CA PHE B 413 -25.64 6.94 4.82
C PHE B 413 -26.93 7.72 4.74
N LEU B 414 -27.00 8.74 3.88
CA LEU B 414 -28.22 9.52 3.76
C LEU B 414 -29.23 8.80 2.90
N SER B 415 -30.44 8.64 3.43
CA SER B 415 -31.55 8.06 2.72
C SER B 415 -32.46 9.12 2.12
N LEU B 416 -32.47 10.31 2.70
CA LEU B 416 -33.24 11.44 2.23
C LEU B 416 -32.31 12.46 1.60
N HIS B 417 -32.90 13.48 0.97
CA HIS B 417 -32.10 14.51 0.36
C HIS B 417 -31.33 15.28 1.43
N PRO B 418 -30.09 15.71 1.16
CA PRO B 418 -29.32 16.42 2.18
C PRO B 418 -30.05 17.59 2.83
N THR B 419 -30.89 18.30 2.10
CA THR B 419 -31.55 19.46 2.69
C THR B 419 -32.50 19.08 3.79
N GLN B 420 -33.00 17.83 3.80
CA GLN B 420 -33.88 17.41 4.86
C GLN B 420 -33.13 17.28 6.18
N TYR B 421 -31.87 16.83 6.12
CA TYR B 421 -31.03 16.80 7.31
C TYR B 421 -30.65 18.20 7.75
N ALA B 422 -30.32 19.07 6.80
CA ALA B 422 -29.94 20.44 7.14
C ALA B 422 -31.11 21.16 7.80
N GLU B 423 -32.33 20.99 7.27
CA GLU B 423 -33.47 21.71 7.83
C GLU B 423 -33.70 21.35 9.30
N VAL B 424 -33.64 20.06 9.63
CA VAL B 424 -33.91 19.66 11.00
C VAL B 424 -32.75 20.04 11.91
N LEU B 425 -31.52 19.94 11.43
CA LEU B 425 -30.37 20.38 12.23
C LEU B 425 -30.48 21.87 12.55
N VAL B 426 -30.79 22.69 11.53
CA VAL B 426 -30.89 24.13 11.75
C VAL B 426 -31.97 24.43 12.79
N LYS B 427 -33.11 23.76 12.69
CA LYS B 427 -34.19 23.97 13.64
C LYS B 427 -33.71 23.69 15.07
N ARG B 428 -33.02 22.56 15.27
CA ARG B 428 -32.54 22.22 16.60
C ARG B 428 -31.47 23.20 17.07
N MET B 429 -30.56 23.59 16.17
CA MET B 429 -29.51 24.54 16.56
C MET B 429 -30.10 25.88 16.95
N GLN B 430 -31.06 26.38 16.17
CA GLN B 430 -31.66 27.67 16.48
C GLN B 430 -32.37 27.64 17.82
N ALA B 431 -33.10 26.56 18.11
CA ALA B 431 -33.82 26.47 19.37
C ALA B 431 -32.87 26.43 20.56
N ALA B 432 -31.68 25.85 20.38
CA ALA B 432 -30.70 25.73 21.45
C ALA B 432 -29.71 26.87 21.51
N GLY B 433 -29.73 27.78 20.54
CA GLY B 433 -28.71 28.82 20.48
C GLY B 433 -27.33 28.33 20.14
N ALA B 434 -27.24 27.25 19.35
CA ALA B 434 -25.96 26.62 19.08
C ALA B 434 -25.13 27.46 18.10
N GLN B 435 -23.81 27.35 18.23
CA GLN B 435 -22.85 27.98 17.35
C GLN B 435 -22.04 26.89 16.66
N ALA B 436 -21.75 27.09 15.37
CA ALA B 436 -21.02 26.10 14.60
C ALA B 436 -19.63 26.60 14.22
N TYR B 437 -18.71 25.64 14.12
CA TYR B 437 -17.30 25.88 13.82
C TYR B 437 -16.84 24.89 12.77
N LEU B 438 -15.98 25.34 11.87
CA LEU B 438 -15.37 24.51 10.85
C LEU B 438 -13.91 24.30 11.24
N VAL B 439 -13.51 23.04 11.42
CA VAL B 439 -12.20 22.71 11.96
C VAL B 439 -11.48 21.84 10.93
N ASN B 440 -10.32 22.30 10.45
CA ASN B 440 -9.50 21.55 9.51
C ASN B 440 -8.62 20.58 10.30
N THR B 441 -8.94 19.29 10.22
CA THR B 441 -8.14 18.23 10.79
C THR B 441 -7.25 17.56 9.76
N GLY B 442 -7.15 18.16 8.57
CA GLY B 442 -6.38 17.60 7.49
C GLY B 442 -4.98 18.15 7.44
N TRP B 443 -4.68 18.92 6.39
CA TRP B 443 -3.32 19.34 6.08
C TRP B 443 -3.28 20.86 5.93
N ASN B 444 -2.06 21.41 6.01
CA ASN B 444 -1.85 22.82 5.71
C ASN B 444 -0.79 23.01 4.64
N GLY B 445 -0.30 24.23 4.48
CA GLY B 445 0.61 24.55 3.39
C GLY B 445 1.96 23.85 3.46
N THR B 446 2.32 23.32 4.62
CA THR B 446 3.56 22.55 4.71
C THR B 446 3.46 21.19 4.04
N GLY B 447 2.25 20.74 3.70
CA GLY B 447 2.05 19.39 3.23
C GLY B 447 1.88 18.37 4.33
N LYS B 448 2.01 18.78 5.60
CA LYS B 448 1.88 17.87 6.74
C LYS B 448 0.49 18.00 7.33
N ARG B 449 0.09 16.97 8.08
CA ARG B 449 -1.17 17.03 8.82
C ARG B 449 -1.08 18.10 9.89
N ILE B 450 -2.19 18.79 10.13
CA ILE B 450 -2.29 19.66 11.29
C ILE B 450 -2.18 18.78 12.53
N SER B 451 -1.34 19.19 13.49
CA SER B 451 -1.03 18.32 14.61
C SER B 451 -2.24 18.18 15.53
N ILE B 452 -2.39 16.98 16.11
CA ILE B 452 -3.51 16.73 17.02
C ILE B 452 -3.42 17.63 18.25
N LYS B 453 -2.20 17.97 18.67
CA LYS B 453 -2.04 18.89 19.79
C LYS B 453 -2.72 20.23 19.49
N ASP B 454 -2.52 20.75 18.28
CA ASP B 454 -3.18 22.00 17.89
C ASP B 454 -4.69 21.83 17.80
N THR B 455 -5.15 20.73 17.20
CA THR B 455 -6.59 20.52 17.08
C THR B 455 -7.25 20.36 18.45
N ARG B 456 -6.60 19.63 19.36
CA ARG B 456 -7.15 19.46 20.70
C ARG B 456 -7.26 20.81 21.41
N ALA B 457 -6.25 21.68 21.25
CA ALA B 457 -6.31 23.01 21.86
C ALA B 457 -7.42 23.85 21.23
N ILE B 458 -7.65 23.67 19.92
CA ILE B 458 -8.73 24.39 19.25
C ILE B 458 -10.08 23.96 19.81
N ILE B 459 -10.26 22.64 19.98
CA ILE B 459 -11.53 22.16 20.53
C ILE B 459 -11.73 22.72 21.94
N ASP B 460 -10.67 22.71 22.76
CA ASP B 460 -10.79 23.29 24.10
C ASP B 460 -11.30 24.72 24.04
N ALA B 461 -10.75 25.51 23.12
CA ALA B 461 -11.13 26.92 23.03
C ALA B 461 -12.55 27.09 22.49
N ILE B 462 -13.00 26.18 21.63
CA ILE B 462 -14.40 26.19 21.21
C ILE B 462 -15.30 25.90 22.41
N LEU B 463 -15.00 24.82 23.13
CA LEU B 463 -15.97 24.30 24.10
C LEU B 463 -16.10 25.19 25.32
N ASN B 464 -15.04 25.87 25.72
CA ASN B 464 -15.15 26.75 26.87
C ASN B 464 -15.78 28.09 26.51
N GLY B 465 -16.28 28.22 25.28
CA GLY B 465 -16.98 29.41 24.84
C GLY B 465 -16.10 30.58 24.49
N SER B 466 -14.77 30.42 24.53
CA SER B 466 -13.87 31.55 24.38
C SER B 466 -13.79 32.08 22.96
N LEU B 467 -14.23 31.30 21.96
CA LEU B 467 -14.22 31.79 20.59
C LEU B 467 -15.55 32.43 20.19
N ASP B 468 -16.61 32.19 20.96
CA ASP B 468 -17.95 32.63 20.53
C ASP B 468 -17.99 34.13 20.31
N ASN B 469 -17.26 34.89 21.12
CA ASN B 469 -17.25 36.35 21.03
C ASN B 469 -15.85 36.90 20.82
N ALA B 470 -14.91 36.06 20.38
CA ALA B 470 -13.53 36.49 20.23
C ALA B 470 -13.37 37.36 18.98
N GLU B 471 -12.30 38.16 18.96
CA GLU B 471 -11.99 38.97 17.80
C GLU B 471 -11.50 38.10 16.66
N THR B 472 -11.81 38.50 15.43
CA THR B 472 -11.51 37.71 14.26
C THR B 472 -11.03 38.59 13.13
N PHE B 473 -10.42 37.95 12.13
CA PHE B 473 -10.21 38.53 10.81
C PHE B 473 -10.84 37.59 9.79
N THR B 474 -11.07 38.10 8.59
CA THR B 474 -11.84 37.36 7.58
C THR B 474 -10.91 36.85 6.48
N LEU B 475 -10.97 35.55 6.23
CA LEU B 475 -10.17 34.93 5.18
C LEU B 475 -10.78 35.26 3.82
N PRO B 476 -9.99 35.70 2.85
CA PRO B 476 -10.57 36.04 1.54
C PRO B 476 -11.12 34.80 0.83
N MET B 477 -11.99 35.07 -0.14
CA MET B 477 -12.63 34.06 -0.98
C MET B 477 -13.67 33.26 -0.21
N PHE B 478 -13.26 32.53 0.83
CA PHE B 478 -14.22 31.77 1.64
C PHE B 478 -14.92 32.61 2.70
N ASN B 479 -14.41 33.81 2.98
CA ASN B 479 -15.05 34.75 3.88
C ASN B 479 -15.29 34.15 5.27
N LEU B 480 -14.30 33.42 5.76
CA LEU B 480 -14.39 32.72 7.03
C LEU B 480 -13.77 33.56 8.14
N ALA B 481 -14.48 33.69 9.25
CA ALA B 481 -14.01 34.42 10.41
C ALA B 481 -13.04 33.55 11.20
N ILE B 482 -11.81 34.03 11.38
CA ILE B 482 -10.76 33.27 12.03
C ILE B 482 -10.36 34.04 13.29
N PRO B 483 -10.23 33.39 14.45
CA PRO B 483 -9.76 34.11 15.64
C PRO B 483 -8.35 34.63 15.42
N THR B 484 -8.09 35.81 15.99
CA THR B 484 -6.77 36.42 15.83
C THR B 484 -5.73 35.72 16.67
N GLU B 485 -6.15 35.10 17.77
CA GLU B 485 -5.25 34.37 18.65
C GLU B 485 -6.05 33.29 19.34
N LEU B 486 -5.35 32.28 19.84
CA LEU B 486 -6.04 31.16 20.48
C LEU B 486 -5.11 30.52 21.50
N PRO B 487 -5.50 30.48 22.78
CA PRO B 487 -4.61 29.90 23.81
C PRO B 487 -4.18 28.49 23.46
N GLY B 488 -2.87 28.24 23.53
CA GLY B 488 -2.32 26.92 23.37
C GLY B 488 -1.96 26.51 21.96
N VAL B 489 -2.15 27.37 20.97
CA VAL B 489 -1.80 27.07 19.58
C VAL B 489 -0.87 28.15 19.06
N ASP B 490 0.07 27.74 18.22
CA ASP B 490 0.93 28.70 17.51
C ASP B 490 0.06 29.64 16.69
N THR B 491 0.03 30.92 17.06
CA THR B 491 -0.79 31.89 16.34
C THR B 491 -0.56 31.81 14.83
N LYS B 492 0.66 31.47 14.42
CA LYS B 492 1.00 31.43 13.00
C LYS B 492 0.05 30.54 12.22
N ILE B 493 -0.38 29.41 12.82
CA ILE B 493 -1.13 28.40 12.06
C ILE B 493 -2.58 28.80 11.80
N LEU B 494 -3.09 29.82 12.51
CA LEU B 494 -4.50 30.14 12.38
C LEU B 494 -4.85 30.64 10.98
N ASP B 495 -3.94 31.36 10.35
CA ASP B 495 -4.14 31.81 8.98
C ASP B 495 -3.56 30.76 8.04
N PRO B 496 -4.39 30.10 7.23
CA PRO B 496 -3.86 29.02 6.37
C PRO B 496 -2.85 29.51 5.34
N ARG B 497 -2.79 30.82 5.09
CA ARG B 497 -1.81 31.36 4.16
C ARG B 497 -0.40 31.33 4.73
N ASN B 498 -0.25 31.27 6.05
CA ASN B 498 1.07 31.45 6.67
C ASN B 498 1.99 30.25 6.45
N THR B 499 1.46 29.09 6.07
CA THR B 499 2.29 27.93 5.79
C THR B 499 2.62 27.80 4.31
N TYR B 500 2.37 28.84 3.51
CA TYR B 500 2.79 28.92 2.13
C TYR B 500 3.86 29.99 1.98
N ALA B 501 4.69 29.83 0.94
CA ALA B 501 5.77 30.79 0.71
C ALA B 501 5.23 32.19 0.42
N SER B 502 4.13 32.27 -0.31
CA SER B 502 3.46 33.53 -0.62
C SER B 502 1.97 33.35 -0.40
N PRO B 503 1.25 34.42 -0.07
CA PRO B 503 -0.22 34.35 -0.15
C PRO B 503 -0.71 33.93 -1.52
N GLU B 504 0.09 34.13 -2.57
CA GLU B 504 -0.34 33.82 -3.92
C GLU B 504 -0.41 32.31 -4.18
N GLN B 505 0.48 31.52 -3.57
CA GLN B 505 0.34 30.07 -3.71
C GLN B 505 -0.93 29.58 -3.04
N TRP B 506 -1.18 30.04 -1.82
CA TRP B 506 -2.44 29.70 -1.17
C TRP B 506 -3.60 30.07 -2.07
N GLN B 507 -3.54 31.25 -2.67
CA GLN B 507 -4.62 31.71 -3.54
C GLN B 507 -4.86 30.74 -4.68
N GLU B 508 -3.80 30.24 -5.32
CA GLU B 508 -3.96 29.31 -6.43
C GLU B 508 -4.70 28.05 -5.99
N LYS B 509 -4.27 27.47 -4.87
CA LYS B 509 -4.95 26.28 -4.34
C LYS B 509 -6.37 26.61 -3.90
N ALA B 510 -6.56 27.78 -3.28
CA ALA B 510 -7.89 28.14 -2.79
C ALA B 510 -8.86 28.34 -3.93
N GLU B 511 -8.41 28.94 -5.04
CA GLU B 511 -9.28 29.10 -6.20
C GLU B 511 -9.72 27.75 -6.74
N THR B 512 -8.80 26.80 -6.81
CA THR B 512 -9.15 25.46 -7.27
C THR B 512 -10.21 24.84 -6.38
N LEU B 513 -10.03 24.94 -5.06
CA LEU B 513 -10.99 24.35 -4.15
C LEU B 513 -12.32 25.10 -4.17
N ALA B 514 -12.26 26.43 -4.28
CA ALA B 514 -13.49 27.22 -4.35
C ALA B 514 -14.33 26.82 -5.56
N LYS B 515 -13.68 26.62 -6.71
CA LYS B 515 -14.40 26.18 -7.90
C LYS B 515 -15.10 24.84 -7.67
N LEU B 516 -14.42 23.91 -6.98
CA LEU B 516 -15.04 22.63 -6.66
C LEU B 516 -16.24 22.81 -5.74
N PHE B 517 -16.11 23.65 -4.71
CA PHE B 517 -17.26 23.96 -3.85
C PHE B 517 -18.43 24.48 -4.67
N ILE B 518 -18.18 25.47 -5.54
CA ILE B 518 -19.26 26.12 -6.27
C ILE B 518 -19.97 25.11 -7.16
N ASP B 519 -19.19 24.28 -7.87
CA ASP B 519 -19.80 23.29 -8.76
C ASP B 519 -20.55 22.22 -7.97
N ASN B 520 -20.07 21.87 -6.78
CA ASN B 520 -20.76 20.89 -5.96
C ASN B 520 -22.05 21.45 -5.38
N PHE B 521 -22.07 22.73 -5.04
CA PHE B 521 -23.24 23.27 -4.36
C PHE B 521 -24.37 23.58 -5.32
N ASP B 522 -24.10 23.69 -6.61
CA ASP B 522 -25.11 24.21 -7.53
C ASP B 522 -26.37 23.35 -7.54
N LYS B 523 -26.25 22.05 -7.26
CA LYS B 523 -27.41 21.18 -7.24
C LYS B 523 -28.43 21.55 -6.16
N TYR B 524 -28.06 22.40 -5.20
CA TYR B 524 -28.96 22.79 -4.12
C TYR B 524 -29.73 24.07 -4.41
N THR B 525 -29.53 24.66 -5.59
CA THR B 525 -30.02 26.01 -5.86
C THR B 525 -31.34 26.05 -6.62
N ASP B 526 -32.10 24.96 -6.62
CA ASP B 526 -33.39 24.99 -7.31
C ASP B 526 -34.50 25.62 -6.47
N THR B 527 -34.25 25.92 -5.21
CA THR B 527 -35.18 26.67 -4.40
C THR B 527 -34.58 28.04 -4.09
N PRO B 528 -35.42 29.06 -3.86
CA PRO B 528 -34.87 30.35 -3.45
C PRO B 528 -33.95 30.27 -2.25
N ALA B 529 -34.28 29.43 -1.26
CA ALA B 529 -33.45 29.32 -0.07
C ALA B 529 -32.09 28.74 -0.40
N GLY B 530 -32.04 27.71 -1.23
CA GLY B 530 -30.76 27.14 -1.61
C GLY B 530 -29.92 28.10 -2.44
N ALA B 531 -30.56 28.80 -3.38
CA ALA B 531 -29.84 29.78 -4.18
C ALA B 531 -29.25 30.88 -3.30
N ALA B 532 -29.99 31.28 -2.26
CA ALA B 532 -29.51 32.33 -1.37
C ALA B 532 -28.26 31.92 -0.61
N LEU B 533 -28.07 30.62 -0.37
CA LEU B 533 -26.91 30.16 0.37
C LEU B 533 -25.62 30.27 -0.43
N VAL B 534 -25.70 30.42 -1.76
CA VAL B 534 -24.48 30.55 -2.56
C VAL B 534 -23.65 31.73 -2.08
N ALA B 535 -24.30 32.77 -1.57
CA ALA B 535 -23.58 33.95 -1.11
C ALA B 535 -22.74 33.67 0.12
N ALA B 536 -23.01 32.57 0.82
CA ALA B 536 -22.23 32.19 1.99
C ALA B 536 -21.08 31.27 1.66
N GLY B 537 -20.99 30.79 0.41
CA GLY B 537 -19.91 29.96 -0.01
C GLY B 537 -18.77 30.79 -0.55
N PRO B 538 -17.73 30.14 -1.05
CA PRO B 538 -16.60 30.88 -1.60
C PRO B 538 -17.01 31.68 -2.83
N LYS B 539 -16.39 32.85 -2.98
CA LYS B 539 -16.66 33.73 -4.10
C LYS B 539 -15.35 34.01 -4.83
N LEU B 540 -15.38 33.90 -6.15
CA LEU B 540 -14.18 34.07 -6.97
C LEU B 540 -14.08 35.47 -7.57
S1 THJ C . 13.35 -6.73 -3.02
O1 THJ C . 13.05 -8.00 -2.28
O2 THJ C . 12.01 -6.13 -3.36
O3 THJ C . 14.18 -5.77 -2.21
S2 THJ C . 14.34 -7.13 -4.78
S1 THJ D . 35.42 -21.39 4.25
O1 THJ D . 34.74 -22.10 5.39
O2 THJ D . 36.92 -21.50 4.37
O3 THJ D . 34.93 -19.98 4.42
S2 THJ D . 34.80 -22.18 2.46
S1 THJ E . 20.64 -2.09 -9.23
O1 THJ E . 20.05 -3.15 -8.30
O2 THJ E . 20.03 -2.40 -10.57
O3 THJ E . 20.37 -0.68 -8.80
S2 THJ E . 22.71 -2.28 -9.30
S1 THJ F . -10.85 9.24 14.26
O1 THJ F . -10.36 7.83 14.55
O2 THJ F . -9.97 9.89 13.23
O3 THJ F . -10.77 10.16 15.42
S2 THJ F . -12.83 9.19 13.61
S1 THJ G . -17.76 2.65 9.19
O1 THJ G . -16.84 1.75 8.46
O2 THJ G . -18.43 3.65 8.28
O3 THJ G . -17.07 3.53 10.21
S2 THJ G . -19.13 1.42 10.10
#